data_3MCU
#
_entry.id   3MCU
#
_cell.length_a   77.082
_cell.length_b   129.257
_cell.length_c   132.184
_cell.angle_alpha   90.00
_cell.angle_beta   90.00
_cell.angle_gamma   90.00
#
_symmetry.space_group_name_H-M   'P 21 21 21'
#
loop_
_entity.id
_entity.type
_entity.pdbx_description
1 polymer 'Dipicolinate synthase, B chain'
2 non-polymer 'PHOSPHATE ION'
3 water water
#
_entity_poly.entity_id   1
_entity_poly.type   'polypeptide(L)'
_entity_poly.pdbx_seq_one_letter_code
;(MSE)SLKGKRIGFGFTGSHCTYEEV(MSE)PHLEKLIAEGAEVRPVVSYTVQSTNTRFGEGAEWIKKIEEITGFKAINS
IVGAEPLGPKIPLDC(MSE)VIAPLTGNS(MSE)SKFANA(MSE)TDSPVL(MSE)AAKATLRNGKPVVLAVSTNDALGL
NGVNL(MSE)RL(MSE)ATKNIYFVPFGQDAPEKKPNS(MSE)VAR(MSE)ELLEDTVLEALQGKQLQPVVVEKFRY
(MSE)NLEHHHHHH
;
_entity_poly.pdbx_strand_id   A,B,C,D,E,F
#
loop_
_chem_comp.id
_chem_comp.type
_chem_comp.name
_chem_comp.formula
PO4 non-polymer 'PHOSPHATE ION' 'O4 P -3'
#
# COMPACT_ATOMS: atom_id res chain seq x y z
N SER A 2 -13.33 34.83 0.34
CA SER A 2 -12.10 35.38 -0.21
C SER A 2 -10.95 35.18 0.77
N LEU A 3 -9.78 35.71 0.43
CA LEU A 3 -8.61 35.61 1.30
C LEU A 3 -8.72 36.54 2.51
N LYS A 4 -9.50 37.61 2.37
CA LYS A 4 -9.54 38.65 3.40
C LYS A 4 -9.98 38.13 4.78
N GLY A 5 -9.12 38.31 5.76
CA GLY A 5 -9.37 37.84 7.11
C GLY A 5 -8.81 36.46 7.40
N LYS A 6 -8.52 35.69 6.35
CA LYS A 6 -8.19 34.28 6.55
C LYS A 6 -6.84 34.13 7.20
N ARG A 7 -6.73 33.17 8.10
CA ARG A 7 -5.46 32.84 8.72
C ARG A 7 -4.83 31.65 8.02
N ILE A 8 -3.73 31.92 7.34
CA ILE A 8 -3.13 30.93 6.47
C ILE A 8 -1.74 30.60 6.99
N GLY A 9 -1.57 29.36 7.40
CA GLY A 9 -0.25 28.88 7.78
C GLY A 9 0.56 28.70 6.54
N PHE A 10 1.86 28.89 6.66
CA PHE A 10 2.73 28.79 5.51
C PHE A 10 3.98 28.07 5.95
N GLY A 11 4.11 26.82 5.48
CA GLY A 11 5.23 25.96 5.84
C GLY A 11 6.28 25.85 4.74
N PHE A 12 7.54 25.93 5.15
CA PHE A 12 8.66 25.78 4.22
C PHE A 12 9.41 24.49 4.56
N THR A 13 9.74 23.70 3.54
CA THR A 13 10.58 22.52 3.70
C THR A 13 11.76 22.53 2.72
N GLY A 14 12.84 21.86 3.12
CA GLY A 14 14.01 21.77 2.28
C GLY A 14 14.98 22.94 2.45
N SER A 15 15.95 23.03 1.54
CA SER A 15 17.02 24.01 1.66
C SER A 15 16.52 25.47 1.66
N HIS A 16 17.03 26.26 2.60
CA HIS A 16 16.61 27.66 2.78
C HIS A 16 16.68 28.48 1.48
N CYS A 17 17.67 28.18 0.65
CA CYS A 17 17.88 28.92 -0.58
C CYS A 17 16.64 28.92 -1.47
N THR A 18 16.02 27.76 -1.63
CA THR A 18 14.88 27.56 -2.53
C THR A 18 13.64 28.41 -2.22
N TYR A 19 13.73 29.27 -1.21
CA TYR A 19 12.58 30.02 -0.70
C TYR A 19 12.35 31.39 -1.33
N GLU A 20 13.36 31.93 -2.02
CA GLU A 20 13.28 33.29 -2.54
C GLU A 20 12.33 33.39 -3.74
N GLU A 21 11.75 32.26 -4.12
CA GLU A 21 10.82 32.21 -5.24
C GLU A 21 9.36 32.09 -4.79
N VAL A 22 9.15 31.91 -3.49
CA VAL A 22 7.78 31.89 -2.95
C VAL A 22 7.46 33.13 -2.13
N MSE A 23 8.42 34.06 -2.06
CA MSE A 23 8.20 35.32 -1.33
C MSE A 23 7.11 36.17 -1.94
O MSE A 23 6.21 36.64 -1.24
CB MSE A 23 9.50 36.13 -1.21
CG MSE A 23 10.58 35.46 -0.41
SE MSE A 23 9.91 34.64 1.26
CE MSE A 23 11.62 33.99 1.95
N PRO A 24 7.19 36.42 -3.26
CA PRO A 24 6.17 37.28 -3.87
C PRO A 24 4.76 36.72 -3.69
N HIS A 25 4.62 35.40 -3.65
CA HIS A 25 3.30 34.80 -3.47
C HIS A 25 2.86 34.97 -2.02
N LEU A 26 3.81 34.80 -1.11
CA LEU A 26 3.57 35.09 0.28
C LEU A 26 3.10 36.53 0.43
N GLU A 27 3.84 37.43 -0.21
CA GLU A 27 3.49 38.86 -0.27
C GLU A 27 2.12 39.08 -0.91
N LYS A 28 1.81 38.31 -1.96
CA LYS A 28 0.48 38.39 -2.57
C LYS A 28 -0.66 38.03 -1.59
N LEU A 29 -0.49 36.94 -0.84
CA LEU A 29 -1.49 36.52 0.13
C LEU A 29 -1.82 37.64 1.11
N ILE A 30 -0.77 38.27 1.64
CA ILE A 30 -0.98 39.34 2.59
C ILE A 30 -1.61 40.59 1.95
N ALA A 31 -1.25 40.89 0.71
CA ALA A 31 -1.86 42.03 0.01
C ALA A 31 -3.36 41.80 -0.20
N GLU A 32 -3.76 40.52 -0.14
CA GLU A 32 -5.15 40.14 -0.39
C GLU A 32 -5.99 40.10 0.88
N GLY A 33 -5.38 40.43 2.03
CA GLY A 33 -6.11 40.45 3.28
C GLY A 33 -5.84 39.31 4.27
N ALA A 34 -5.05 38.32 3.86
CA ALA A 34 -4.78 37.19 4.74
C ALA A 34 -3.70 37.50 5.76
N GLU A 35 -3.80 36.86 6.93
CA GLU A 35 -2.71 36.76 7.87
C GLU A 35 -1.92 35.52 7.50
N VAL A 36 -0.61 35.67 7.38
CA VAL A 36 0.23 34.55 7.03
C VAL A 36 1.07 34.18 8.22
N ARG A 37 0.88 32.97 8.70
CA ARG A 37 1.60 32.46 9.85
C ARG A 37 2.64 31.46 9.36
N PRO A 38 3.90 31.90 9.29
CA PRO A 38 4.99 31.06 8.78
C PRO A 38 5.34 29.95 9.76
N VAL A 39 5.67 28.79 9.21
CA VAL A 39 6.28 27.74 10.03
C VAL A 39 7.42 27.05 9.27
N VAL A 40 8.54 26.87 9.95
CA VAL A 40 9.76 26.47 9.29
C VAL A 40 10.32 25.19 9.90
N SER A 41 10.85 24.33 9.05
CA SER A 41 11.38 23.05 9.48
C SER A 41 12.56 23.28 10.42
N TYR A 42 13.00 24.52 10.52
CA TYR A 42 14.06 24.90 11.45
C TYR A 42 13.92 26.33 11.97
N ALA A 55 18.59 32.66 11.40
CA ALA A 55 19.05 32.88 10.03
C ALA A 55 18.57 34.21 9.47
N GLU A 56 19.10 34.60 8.32
CA GLU A 56 18.76 35.88 7.70
C GLU A 56 17.44 35.79 6.94
N TRP A 57 17.22 34.65 6.29
CA TRP A 57 16.02 34.43 5.48
C TRP A 57 14.78 34.30 6.36
N ILE A 58 14.93 33.71 7.53
CA ILE A 58 13.79 33.53 8.42
C ILE A 58 13.28 34.89 8.92
N LYS A 59 14.21 35.77 9.27
CA LYS A 59 13.86 37.11 9.73
C LYS A 59 13.13 37.91 8.67
N LYS A 60 13.50 37.74 7.41
CA LYS A 60 12.83 38.45 6.33
C LYS A 60 11.39 37.99 6.21
N ILE A 61 11.18 36.69 6.37
CA ILE A 61 9.85 36.10 6.36
C ILE A 61 9.05 36.53 7.59
N GLU A 62 9.70 36.61 8.74
CA GLU A 62 9.03 37.06 9.96
C GLU A 62 8.71 38.55 9.89
N GLU A 63 9.50 39.28 9.11
CA GLU A 63 9.32 40.72 8.94
C GLU A 63 8.21 41.01 7.93
N ILE A 64 8.20 40.27 6.83
CA ILE A 64 7.15 40.41 5.82
C ILE A 64 5.77 40.14 6.42
N THR A 65 5.61 38.96 7.00
CA THR A 65 4.42 38.66 7.79
C THR A 65 4.71 39.30 9.14
N GLY A 66 3.72 39.57 9.95
CA GLY A 66 4.04 40.14 11.25
C GLY A 66 4.38 39.13 12.35
N PHE A 67 4.56 37.86 11.98
CA PHE A 67 4.63 36.79 12.98
C PHE A 67 5.97 36.06 13.07
N LYS A 68 6.40 35.77 14.30
CA LYS A 68 7.53 34.86 14.50
C LYS A 68 7.09 33.51 13.98
N ALA A 69 7.96 32.88 13.19
CA ALA A 69 7.70 31.54 12.67
C ALA A 69 7.59 30.53 13.81
N ILE A 70 6.61 29.64 13.71
CA ILE A 70 6.62 28.45 14.55
C ILE A 70 7.77 27.57 14.07
N ASN A 71 8.63 27.18 15.01
CA ASN A 71 9.84 26.44 14.67
C ASN A 71 10.06 25.19 15.53
N SER A 72 9.07 24.82 16.32
CA SER A 72 9.17 23.60 17.10
C SER A 72 7.90 22.77 16.98
N ILE A 73 8.03 21.47 17.18
CA ILE A 73 6.88 20.57 17.16
C ILE A 73 5.89 20.97 18.25
N VAL A 74 6.39 21.49 19.36
CA VAL A 74 5.54 21.90 20.46
C VAL A 74 4.79 23.21 20.18
N GLY A 75 5.42 24.10 19.42
CA GLY A 75 4.76 25.33 19.01
C GLY A 75 3.73 25.09 17.92
N ALA A 76 3.84 23.96 17.22
CA ALA A 76 2.90 23.61 16.17
C ALA A 76 1.64 22.92 16.70
N GLU A 77 1.76 22.15 17.78
CA GLU A 77 0.62 21.46 18.39
C GLU A 77 -0.62 22.34 18.70
N PRO A 78 -0.41 23.50 19.34
CA PRO A 78 -1.56 24.38 19.63
C PRO A 78 -2.40 24.71 18.38
N LEU A 79 -1.81 24.54 17.20
CA LEU A 79 -2.49 24.80 15.94
C LEU A 79 -3.72 23.92 15.75
N GLY A 80 -3.82 22.85 16.55
CA GLY A 80 -5.02 22.03 16.56
C GLY A 80 -6.14 22.48 17.50
N PRO A 81 -5.91 22.37 18.82
CA PRO A 81 -6.96 22.73 19.80
C PRO A 81 -7.14 24.25 20.09
N LYS A 82 -6.08 25.06 20.07
CA LYS A 82 -6.16 26.45 20.58
C LYS A 82 -6.19 27.58 19.52
N ILE A 83 -5.28 27.52 18.56
CA ILE A 83 -5.19 28.56 17.53
C ILE A 83 -5.22 28.03 16.11
N PRO A 84 -6.32 27.37 15.72
CA PRO A 84 -6.42 26.70 14.42
C PRO A 84 -6.36 27.70 13.28
N LEU A 85 -5.79 27.27 12.16
CA LEU A 85 -5.75 28.10 10.96
C LEU A 85 -6.96 27.82 10.10
N ASP A 86 -7.20 28.66 9.10
CA ASP A 86 -8.24 28.39 8.10
C ASP A 86 -7.76 27.50 6.96
N CYS A 87 -6.45 27.55 6.70
CA CYS A 87 -5.81 26.77 5.64
C CYS A 87 -4.34 26.65 6.01
N MSE A 88 -3.72 25.51 5.70
CA MSE A 88 -2.26 25.40 5.83
C MSE A 88 -1.65 25.19 4.42
O MSE A 88 -2.07 24.29 3.68
CB MSE A 88 -1.90 24.22 6.74
CG MSE A 88 -0.41 23.84 6.81
SE MSE A 88 0.64 25.07 7.92
CE MSE A 88 2.45 24.34 7.69
N VAL A 89 -0.68 26.03 4.08
CA VAL A 89 0.05 25.89 2.83
C VAL A 89 1.44 25.35 3.11
N ILE A 90 1.91 24.43 2.26
CA ILE A 90 3.30 24.00 2.31
C ILE A 90 3.95 24.19 0.95
N ALA A 91 4.95 25.06 0.90
CA ALA A 91 5.58 25.41 -0.36
C ALA A 91 6.97 26.00 -0.11
N PRO A 92 8.01 25.36 -0.65
CA PRO A 92 7.90 24.13 -1.43
C PRO A 92 7.72 22.91 -0.54
N LEU A 93 7.21 21.84 -1.13
CA LEU A 93 7.07 20.54 -0.45
C LEU A 93 8.11 19.60 -1.07
N THR A 94 9.19 19.31 -0.34
CA THR A 94 10.21 18.40 -0.86
C THR A 94 9.63 17.00 -0.98
N GLY A 95 10.34 16.12 -1.69
CA GLY A 95 9.93 14.73 -1.80
C GLY A 95 9.93 14.05 -0.45
N ASN A 96 10.90 14.40 0.40
CA ASN A 96 11.02 13.82 1.73
C ASN A 96 9.81 14.13 2.60
N SER A 97 9.47 15.41 2.66
CA SER A 97 8.33 15.85 3.46
C SER A 97 7.01 15.34 2.89
N MSE A 98 6.90 15.33 1.57
CA MSE A 98 5.69 14.79 0.95
C MSE A 98 5.48 13.30 1.32
O MSE A 98 4.37 12.87 1.60
CB MSE A 98 5.72 14.96 -0.56
CG MSE A 98 4.46 14.44 -1.23
SE MSE A 98 4.33 14.65 -3.16
CE MSE A 98 5.88 13.53 -3.69
N SER A 99 6.56 12.52 1.30
CA SER A 99 6.49 11.14 1.70
C SER A 99 6.06 10.99 3.17
N LYS A 100 6.72 11.70 4.08
CA LYS A 100 6.34 11.65 5.49
C LYS A 100 4.89 12.09 5.70
N PHE A 101 4.47 13.12 4.96
CA PHE A 101 3.10 13.63 5.08
C PHE A 101 2.07 12.56 4.73
N ALA A 102 2.25 11.89 3.59
CA ALA A 102 1.35 10.82 3.17
C ALA A 102 1.35 9.64 4.14
N ASN A 103 2.44 9.48 4.86
CA ASN A 103 2.54 8.36 5.79
C ASN A 103 2.21 8.74 7.25
N ALA A 104 1.84 9.99 7.48
CA ALA A 104 1.30 10.45 8.77
C ALA A 104 2.39 10.60 9.83
N MSE A 105 3.60 10.91 9.39
CA MSE A 105 4.66 11.23 10.33
C MSE A 105 4.63 12.71 10.69
O MSE A 105 4.07 13.53 9.97
CB MSE A 105 6.01 10.84 9.74
CG MSE A 105 6.04 9.38 9.39
SE MSE A 105 7.72 8.82 8.56
CE MSE A 105 8.97 9.83 9.67
N THR A 106 5.21 13.06 11.84
CA THR A 106 5.05 14.41 12.34
C THR A 106 6.33 14.95 12.94
N ASP A 107 7.47 14.47 12.45
CA ASP A 107 8.74 14.79 13.09
C ASP A 107 9.36 16.12 12.66
N SER A 108 8.50 17.07 12.27
CA SER A 108 8.92 18.45 11.96
C SER A 108 7.76 19.43 12.22
N PRO A 109 8.06 20.71 12.51
CA PRO A 109 6.99 21.67 12.82
C PRO A 109 5.97 21.79 11.69
N VAL A 110 6.45 21.77 10.45
CA VAL A 110 5.60 21.88 9.28
C VAL A 110 4.61 20.72 9.16
N LEU A 111 5.10 19.51 9.40
CA LEU A 111 4.28 18.30 9.32
C LEU A 111 3.27 18.22 10.48
N MSE A 112 3.70 18.62 11.67
CA MSE A 112 2.80 18.71 12.81
C MSE A 112 1.71 19.75 12.56
O MSE A 112 0.53 19.53 12.90
CB MSE A 112 3.55 19.04 14.09
CG MSE A 112 2.66 19.20 15.32
SE MSE A 112 1.65 17.55 15.67
CE MSE A 112 3.00 16.48 16.58
N ALA A 113 2.09 20.87 11.97
CA ALA A 113 1.14 21.92 11.69
C ALA A 113 0.08 21.46 10.69
N ALA A 114 0.50 20.70 9.69
CA ALA A 114 -0.43 20.21 8.68
C ALA A 114 -1.34 19.15 9.27
N LYS A 115 -0.81 18.33 10.17
CA LYS A 115 -1.62 17.32 10.87
C LYS A 115 -2.64 18.00 11.77
N ALA A 116 -2.21 19.03 12.48
CA ALA A 116 -3.14 19.81 13.33
C ALA A 116 -4.21 20.52 12.51
N THR A 117 -3.94 20.76 11.24
CA THR A 117 -4.94 21.39 10.38
C THR A 117 -5.92 20.35 9.86
N LEU A 118 -5.42 19.20 9.42
CA LEU A 118 -6.30 18.08 9.06
C LEU A 118 -7.11 17.61 10.27
N ARG A 119 -6.53 17.74 11.45
CA ARG A 119 -7.23 17.44 12.69
C ARG A 119 -8.64 18.02 12.64
N ASN A 120 -8.75 19.25 12.16
CA ASN A 120 -10.04 19.95 12.18
C ASN A 120 -10.82 19.91 10.88
N GLY A 121 -10.40 19.09 9.92
CA GLY A 121 -11.10 19.05 8.66
C GLY A 121 -10.87 20.32 7.85
N LYS A 122 -9.77 21.00 8.12
CA LYS A 122 -9.41 22.21 7.40
C LYS A 122 -8.42 21.91 6.26
N PRO A 123 -8.37 22.81 5.27
CA PRO A 123 -7.64 22.51 4.02
C PRO A 123 -6.14 22.65 4.17
N VAL A 124 -5.45 21.73 3.50
CA VAL A 124 -4.00 21.78 3.39
C VAL A 124 -3.66 21.85 1.92
N VAL A 125 -2.84 22.82 1.53
CA VAL A 125 -2.48 23.05 0.15
C VAL A 125 -0.99 22.80 -0.02
N LEU A 126 -0.65 21.98 -1.02
CA LEU A 126 0.73 21.54 -1.23
C LEU A 126 1.25 22.05 -2.56
N ALA A 127 2.48 22.57 -2.58
CA ALA A 127 3.18 22.86 -3.84
C ALA A 127 4.38 21.94 -3.97
N VAL A 128 4.22 20.89 -4.76
CA VAL A 128 5.19 19.82 -4.82
C VAL A 128 6.46 20.23 -5.56
N SER A 129 7.57 19.62 -5.16
CA SER A 129 8.85 19.86 -5.80
C SER A 129 9.81 18.68 -5.58
N THR A 130 9.73 17.68 -6.43
CA THR A 130 10.61 16.51 -6.25
C THR A 130 10.99 15.79 -7.55
N ASN A 131 12.26 15.41 -7.66
CA ASN A 131 12.73 14.75 -8.87
C ASN A 131 12.35 13.26 -8.97
N ASP A 132 11.50 12.79 -8.03
CA ASP A 132 11.04 11.39 -8.03
C ASP A 132 9.51 11.24 -8.01
N ALA A 133 8.80 12.34 -8.31
CA ALA A 133 7.34 12.34 -8.32
C ALA A 133 6.74 11.24 -9.20
N LEU A 134 7.40 10.92 -10.31
CA LEU A 134 6.92 9.85 -11.20
C LEU A 134 7.76 8.59 -11.01
N GLY A 135 8.57 8.58 -9.96
CA GLY A 135 9.26 7.38 -9.52
C GLY A 135 8.61 6.86 -8.25
N LEU A 136 9.42 6.56 -7.24
CA LEU A 136 8.91 6.03 -5.96
C LEU A 136 7.90 6.93 -5.22
N ASN A 137 7.96 8.24 -5.45
CA ASN A 137 7.10 9.16 -4.72
C ASN A 137 5.73 9.34 -5.36
N GLY A 138 5.55 8.78 -6.55
CA GLY A 138 4.28 8.83 -7.24
C GLY A 138 3.13 8.29 -6.42
N VAL A 139 3.34 7.13 -5.80
CA VAL A 139 2.32 6.55 -4.92
C VAL A 139 1.90 7.53 -3.80
N ASN A 140 2.87 8.19 -3.19
CA ASN A 140 2.59 9.14 -2.12
C ASN A 140 1.76 10.36 -2.57
N LEU A 141 2.19 10.97 -3.67
CA LEU A 141 1.48 12.09 -4.27
C LEU A 141 0.04 11.73 -4.56
N MSE A 142 -0.19 10.57 -5.16
CA MSE A 142 -1.54 10.14 -5.51
C MSE A 142 -2.37 9.76 -4.28
O MSE A 142 -3.59 9.87 -4.30
CB MSE A 142 -1.53 8.99 -6.52
CG MSE A 142 -1.19 9.42 -7.94
SE MSE A 142 -2.32 10.91 -8.62
CE MSE A 142 -1.79 10.68 -10.50
N ARG A 143 -1.72 9.30 -3.21
CA ARG A 143 -2.44 9.05 -1.96
C ARG A 143 -2.99 10.38 -1.44
N LEU A 144 -2.13 11.40 -1.41
CA LEU A 144 -2.53 12.73 -0.95
C LEU A 144 -3.61 13.32 -1.84
N MSE A 145 -3.44 13.18 -3.16
CA MSE A 145 -4.43 13.74 -4.10
C MSE A 145 -5.85 13.28 -3.75
O MSE A 145 -6.82 14.00 -3.92
CB MSE A 145 -4.10 13.30 -5.52
CG MSE A 145 -3.40 14.36 -6.35
SE MSE A 145 -4.72 15.65 -6.96
CE MSE A 145 -5.97 14.33 -7.66
N ALA A 146 -5.95 12.06 -3.26
CA ALA A 146 -7.25 11.43 -3.09
C ALA A 146 -7.83 11.61 -1.68
N THR A 147 -7.03 12.14 -0.77
CA THR A 147 -7.35 12.21 0.66
C THR A 147 -8.21 13.43 1.02
N LYS A 148 -9.10 13.29 1.99
CA LYS A 148 -9.98 14.40 2.41
C LYS A 148 -9.19 15.63 2.83
N ASN A 149 -9.62 16.79 2.35
CA ASN A 149 -9.07 18.07 2.79
C ASN A 149 -7.65 18.41 2.33
N ILE A 150 -7.14 17.69 1.33
CA ILE A 150 -5.81 17.98 0.81
C ILE A 150 -5.89 18.40 -0.66
N TYR A 151 -5.17 19.46 -1.00
CA TYR A 151 -5.28 20.07 -2.31
C TYR A 151 -3.88 20.36 -2.87
N PHE A 152 -3.76 20.38 -4.19
CA PHE A 152 -2.46 20.60 -4.84
C PHE A 152 -2.49 21.82 -5.71
N VAL A 153 -1.47 22.67 -5.60
CA VAL A 153 -1.33 23.67 -6.66
C VAL A 153 -0.92 22.93 -7.93
N PRO A 154 -1.58 23.25 -9.05
CA PRO A 154 -1.31 22.57 -10.32
C PRO A 154 0.18 22.38 -10.60
N PHE A 155 0.53 21.18 -11.07
CA PHE A 155 1.92 20.77 -11.21
C PHE A 155 2.08 19.91 -12.45
N GLY A 156 3.34 19.71 -12.85
CA GLY A 156 3.66 18.79 -13.92
C GLY A 156 5.16 18.66 -14.05
N GLN A 157 5.61 18.05 -15.13
CA GLN A 157 7.05 17.83 -15.35
C GLN A 157 7.74 19.16 -15.60
N ASP A 158 8.84 19.42 -14.92
CA ASP A 158 9.55 20.68 -15.11
C ASP A 158 10.70 20.54 -16.11
N ALA A 159 11.03 19.31 -16.47
CA ALA A 159 12.19 19.05 -17.33
C ALA A 159 12.17 17.62 -17.82
N PRO A 160 11.27 17.31 -18.76
CA PRO A 160 11.00 15.95 -19.22
C PRO A 160 12.23 15.14 -19.65
N GLU A 161 13.27 15.78 -20.19
CA GLU A 161 14.41 15.03 -20.69
C GLU A 161 15.57 15.00 -19.70
N LYS A 162 15.80 16.12 -19.02
CA LYS A 162 16.86 16.23 -18.02
C LYS A 162 16.51 15.66 -16.64
N LYS A 163 15.21 15.61 -16.32
CA LYS A 163 14.75 15.09 -15.04
C LYS A 163 13.39 14.44 -15.27
N PRO A 164 13.40 13.26 -15.88
CA PRO A 164 12.18 12.59 -16.36
C PRO A 164 11.13 12.27 -15.27
N ASN A 165 11.56 12.07 -14.03
CA ASN A 165 10.61 11.75 -12.98
C ASN A 165 10.23 13.00 -12.15
N SER A 166 10.74 14.15 -12.54
CA SER A 166 10.57 15.36 -11.75
C SER A 166 9.24 16.07 -11.99
N MSE A 167 8.56 16.45 -10.91
CA MSE A 167 7.40 17.34 -11.04
C MSE A 167 7.41 18.48 -10.03
O MSE A 167 7.90 18.33 -8.92
CB MSE A 167 6.06 16.58 -11.01
CG MSE A 167 5.89 15.68 -12.25
SE MSE A 167 4.07 15.00 -12.48
CE MSE A 167 3.94 13.91 -10.86
N VAL A 168 6.91 19.62 -10.47
CA VAL A 168 7.01 20.86 -9.70
C VAL A 168 5.76 21.66 -9.96
N ALA A 169 5.25 22.26 -8.90
CA ALA A 169 4.07 23.11 -9.00
C ALA A 169 4.34 24.43 -9.74
N ARG A 170 3.33 24.94 -10.43
CA ARG A 170 3.32 26.34 -10.87
C ARG A 170 2.98 27.24 -9.69
N MSE A 171 3.99 27.79 -9.01
CA MSE A 171 3.75 28.70 -7.89
C MSE A 171 2.82 29.88 -8.16
O MSE A 171 2.17 30.38 -7.25
CB MSE A 171 5.08 29.24 -7.37
CG MSE A 171 5.87 28.24 -6.58
SE MSE A 171 4.94 27.66 -4.94
CE MSE A 171 6.33 26.37 -4.42
N GLU A 172 2.76 30.33 -9.41
CA GLU A 172 1.91 31.47 -9.76
C GLU A 172 0.43 31.17 -9.51
N LEU A 173 0.10 29.89 -9.40
CA LEU A 173 -1.29 29.51 -9.18
C LEU A 173 -1.61 29.25 -7.71
N LEU A 174 -0.66 29.50 -6.82
CA LEU A 174 -0.87 29.25 -5.39
C LEU A 174 -2.10 29.97 -4.77
N GLU A 175 -2.23 31.28 -5.02
CA GLU A 175 -3.36 32.04 -4.51
C GLU A 175 -4.68 31.48 -5.02
N ASP A 176 -4.76 31.16 -6.31
CA ASP A 176 -5.96 30.55 -6.84
C ASP A 176 -6.20 29.15 -6.24
N THR A 177 -5.14 28.48 -5.79
CA THR A 177 -5.33 27.14 -5.24
C THR A 177 -5.94 27.27 -3.86
N VAL A 178 -5.38 28.19 -3.07
CA VAL A 178 -5.88 28.49 -1.75
C VAL A 178 -7.34 28.92 -1.79
N LEU A 179 -7.67 29.79 -2.73
CA LEU A 179 -9.04 30.27 -2.86
C LEU A 179 -10.00 29.10 -3.06
N GLU A 180 -9.67 28.20 -3.98
CA GLU A 180 -10.50 27.01 -4.19
C GLU A 180 -10.54 26.06 -2.97
N ALA A 181 -9.40 25.89 -2.29
CA ALA A 181 -9.31 25.00 -1.14
C ALA A 181 -10.18 25.47 0.02
N LEU A 182 -10.29 26.79 0.17
CA LEU A 182 -11.17 27.38 1.17
C LEU A 182 -12.63 27.04 0.87
N GLN A 183 -12.94 26.78 -0.38
CA GLN A 183 -14.30 26.36 -0.74
C GLN A 183 -14.43 24.83 -0.78
N GLY A 184 -13.40 24.12 -0.34
CA GLY A 184 -13.38 22.66 -0.37
C GLY A 184 -13.23 22.10 -1.77
N LYS A 185 -12.61 22.86 -2.67
CA LYS A 185 -12.48 22.43 -4.06
C LYS A 185 -11.03 22.33 -4.48
N GLN A 186 -10.75 21.37 -5.36
CA GLN A 186 -9.45 21.34 -6.01
C GLN A 186 -9.48 22.23 -7.24
N LEU A 187 -8.63 23.25 -7.26
CA LEU A 187 -8.45 24.07 -8.46
C LEU A 187 -8.15 23.18 -9.68
N GLN A 188 -8.85 23.42 -10.78
CA GLN A 188 -8.65 22.66 -12.02
C GLN A 188 -8.24 23.55 -13.20
N PRO A 189 -7.37 23.02 -14.09
CA PRO A 189 -6.79 21.67 -14.09
C PRO A 189 -5.61 21.54 -13.14
N VAL A 190 -5.47 20.38 -12.52
CA VAL A 190 -4.42 20.17 -11.55
C VAL A 190 -3.16 19.58 -12.21
N VAL A 191 -3.32 18.97 -13.39
CA VAL A 191 -2.17 18.44 -14.11
C VAL A 191 -1.84 19.28 -15.34
N VAL A 192 -0.72 19.98 -15.27
CA VAL A 192 -0.34 20.96 -16.29
C VAL A 192 1.06 20.68 -16.86
N GLU A 193 1.36 21.29 -18.00
CA GLU A 193 2.70 21.21 -18.57
C GLU A 193 3.59 22.29 -17.99
N LYS A 194 4.03 22.04 -16.76
CA LYS A 194 4.95 22.91 -16.06
C LYS A 194 6.13 23.40 -16.88
N PHE A 195 6.63 22.55 -17.78
CA PHE A 195 7.86 22.86 -18.53
C PHE A 195 7.63 23.95 -19.58
N ARG A 196 6.38 24.29 -19.84
CA ARG A 196 6.08 25.36 -20.79
C ARG A 196 5.91 26.72 -20.09
N TYR A 197 6.20 26.76 -18.79
CA TYR A 197 6.11 27.99 -18.01
C TYR A 197 7.33 28.20 -17.11
N MSE A 198 8.52 27.91 -17.61
CA MSE A 198 9.75 28.06 -16.82
C MSE A 198 10.23 29.51 -16.80
O MSE A 198 10.40 30.10 -15.72
CB MSE A 198 10.86 27.14 -17.35
CG MSE A 198 10.54 25.67 -17.27
SE MSE A 198 10.05 25.06 -15.46
CE MSE A 198 11.77 25.26 -14.56
N SER B 2 11.65 1.59 -35.59
CA SER B 2 11.35 0.41 -36.38
C SER B 2 10.87 -0.77 -35.53
N LEU B 3 9.58 -1.07 -35.67
CA LEU B 3 9.03 -2.29 -35.13
C LEU B 3 8.86 -3.33 -36.24
N LYS B 4 9.71 -3.25 -37.26
CA LYS B 4 9.69 -4.28 -38.30
C LYS B 4 10.43 -5.51 -37.79
N GLY B 5 9.74 -6.65 -37.78
CA GLY B 5 10.29 -7.87 -37.23
C GLY B 5 9.91 -8.09 -35.77
N LYS B 6 9.23 -7.11 -35.18
CA LYS B 6 8.81 -7.22 -33.79
C LYS B 6 7.48 -7.94 -33.70
N ARG B 7 7.30 -8.79 -32.69
CA ARG B 7 5.97 -9.32 -32.38
C ARG B 7 5.31 -8.47 -31.29
N ILE B 8 4.23 -7.79 -31.66
CA ILE B 8 3.55 -6.86 -30.77
C ILE B 8 2.12 -7.29 -30.42
N GLY B 9 1.84 -7.50 -29.14
CA GLY B 9 0.48 -7.82 -28.71
C GLY B 9 -0.38 -6.57 -28.59
N PHE B 10 -1.68 -6.72 -28.82
CA PHE B 10 -2.59 -5.58 -28.73
C PHE B 10 -3.90 -6.00 -28.08
N GLY B 11 -4.11 -5.53 -26.85
CA GLY B 11 -5.27 -5.91 -26.07
C GLY B 11 -6.30 -4.81 -25.96
N PHE B 12 -7.57 -5.20 -25.99
CA PHE B 12 -8.67 -4.25 -25.86
C PHE B 12 -9.46 -4.55 -24.59
N THR B 13 -9.74 -3.51 -23.80
CA THR B 13 -10.58 -3.65 -22.62
C THR B 13 -11.67 -2.57 -22.62
N GLY B 14 -12.77 -2.84 -21.93
CA GLY B 14 -13.79 -1.82 -21.70
C GLY B 14 -15.12 -2.00 -22.41
N SER B 15 -15.42 -1.12 -23.35
CA SER B 15 -16.68 -1.16 -24.06
C SER B 15 -16.48 -1.39 -25.56
N HIS B 16 -17.21 -2.37 -26.09
CA HIS B 16 -17.09 -2.82 -27.49
C HIS B 16 -16.87 -1.69 -28.50
N CYS B 17 -17.73 -0.67 -28.45
CA CYS B 17 -17.75 0.38 -29.47
C CYS B 17 -16.59 1.37 -29.41
N THR B 18 -16.15 1.69 -28.20
CA THR B 18 -15.19 2.77 -27.99
C THR B 18 -13.81 2.51 -28.58
N TYR B 19 -13.67 1.40 -29.31
CA TYR B 19 -12.37 1.04 -29.88
C TYR B 19 -12.18 1.55 -31.31
N GLU B 20 -12.97 2.54 -31.70
CA GLU B 20 -12.88 3.06 -33.05
C GLU B 20 -11.52 3.69 -33.33
N GLU B 21 -11.05 4.51 -32.39
CA GLU B 21 -9.85 5.32 -32.60
C GLU B 21 -8.58 4.48 -32.76
N VAL B 22 -8.56 3.28 -32.18
CA VAL B 22 -7.34 2.48 -32.15
C VAL B 22 -7.08 1.72 -33.45
N MSE B 23 -8.08 1.66 -34.32
CA MSE B 23 -7.98 0.92 -35.57
C MSE B 23 -6.78 1.31 -36.43
O MSE B 23 -5.97 0.46 -36.81
CB MSE B 23 -9.27 1.05 -36.38
CG MSE B 23 -10.42 0.35 -35.73
SE MSE B 23 -9.98 -1.52 -35.43
CE MSE B 23 -11.28 -1.90 -34.00
N PRO B 24 -6.67 2.62 -36.75
CA PRO B 24 -5.54 3.08 -37.58
C PRO B 24 -4.20 2.69 -36.97
N HIS B 25 -4.18 2.48 -35.65
CA HIS B 25 -2.94 2.18 -34.95
C HIS B 25 -2.45 0.74 -35.21
N LEU B 26 -3.39 -0.19 -35.32
CA LEU B 26 -3.07 -1.55 -35.73
C LEU B 26 -2.61 -1.51 -37.18
N GLU B 27 -3.29 -0.69 -37.97
CA GLU B 27 -2.95 -0.47 -39.36
C GLU B 27 -1.51 0.01 -39.49
N LYS B 28 -1.19 1.07 -38.75
CA LYS B 28 0.16 1.63 -38.77
C LYS B 28 1.21 0.61 -38.33
N LEU B 29 0.96 -0.06 -37.21
CA LEU B 29 1.90 -1.05 -36.70
C LEU B 29 2.21 -2.10 -37.78
N ILE B 30 1.19 -2.69 -38.38
CA ILE B 30 1.41 -3.73 -39.39
C ILE B 30 2.05 -3.13 -40.63
N ALA B 31 1.64 -1.91 -40.99
CA ALA B 31 2.22 -1.20 -42.11
C ALA B 31 3.70 -0.96 -41.89
N GLU B 32 4.09 -0.75 -40.64
CA GLU B 32 5.46 -0.43 -40.31
C GLU B 32 6.34 -1.66 -40.12
N GLY B 33 5.76 -2.85 -40.26
CA GLY B 33 6.54 -4.08 -40.28
C GLY B 33 6.39 -5.06 -39.12
N ALA B 34 5.56 -4.71 -38.14
CA ALA B 34 5.37 -5.58 -36.98
C ALA B 34 4.31 -6.64 -37.20
N GLU B 35 4.51 -7.79 -36.57
CA GLU B 35 3.48 -8.82 -36.51
C GLU B 35 2.63 -8.55 -35.27
N VAL B 36 1.32 -8.43 -35.46
CA VAL B 36 0.44 -8.07 -34.37
C VAL B 36 -0.44 -9.23 -33.93
N ARG B 37 -0.47 -9.48 -32.61
CA ARG B 37 -1.36 -10.47 -32.03
C ARG B 37 -2.42 -9.74 -31.24
N PRO B 38 -3.66 -9.80 -31.71
CA PRO B 38 -4.78 -9.18 -30.97
C PRO B 38 -5.26 -10.03 -29.79
N VAL B 39 -5.53 -9.37 -28.67
CA VAL B 39 -6.09 -10.03 -27.48
C VAL B 39 -7.32 -9.28 -27.02
N VAL B 40 -8.42 -10.00 -26.86
CA VAL B 40 -9.67 -9.37 -26.44
C VAL B 40 -10.17 -9.96 -25.12
N SER B 41 -10.72 -9.11 -24.26
CA SER B 41 -11.13 -9.55 -22.93
C SER B 41 -12.50 -10.23 -22.88
N TYR B 42 -13.11 -10.42 -24.05
CA TYR B 42 -14.37 -11.17 -24.14
C TYR B 42 -14.34 -12.26 -25.23
N THR B 43 -14.86 -13.44 -24.89
CA THR B 43 -14.91 -14.59 -25.81
C THR B 43 -15.30 -14.21 -27.24
N GLY B 54 -23.40 -9.73 -34.93
CA GLY B 54 -22.41 -9.90 -33.88
C GLY B 54 -21.37 -8.80 -33.85
N ALA B 55 -20.31 -9.03 -33.09
CA ALA B 55 -19.22 -8.08 -32.96
C ALA B 55 -18.58 -7.76 -34.30
N GLU B 56 -18.95 -6.62 -34.87
CA GLU B 56 -18.38 -6.17 -36.13
C GLU B 56 -16.93 -5.71 -35.93
N TRP B 57 -16.76 -4.81 -34.97
CA TRP B 57 -15.44 -4.36 -34.54
C TRP B 57 -14.41 -5.49 -34.62
N ILE B 58 -14.62 -6.54 -33.83
CA ILE B 58 -13.68 -7.66 -33.79
C ILE B 58 -13.73 -8.47 -35.07
N LYS B 59 -14.93 -8.60 -35.64
CA LYS B 59 -15.07 -9.27 -36.92
C LYS B 59 -13.97 -8.81 -37.88
N LYS B 60 -13.70 -7.50 -37.86
CA LYS B 60 -12.73 -6.89 -38.76
C LYS B 60 -11.29 -6.96 -38.27
N ILE B 61 -11.08 -6.79 -36.96
CA ILE B 61 -9.73 -6.79 -36.40
C ILE B 61 -8.92 -8.00 -36.85
N GLU B 62 -9.58 -9.16 -36.92
CA GLU B 62 -8.91 -10.37 -37.37
C GLU B 62 -8.58 -10.31 -38.86
N GLU B 63 -9.32 -9.47 -39.60
CA GLU B 63 -9.03 -9.23 -41.00
C GLU B 63 -7.69 -8.51 -41.16
N ILE B 64 -7.61 -7.31 -40.58
CA ILE B 64 -6.43 -6.45 -40.70
C ILE B 64 -5.15 -7.25 -40.55
N THR B 65 -4.95 -7.83 -39.38
CA THR B 65 -3.80 -8.69 -39.16
C THR B 65 -4.18 -10.16 -39.33
N GLY B 66 -3.18 -10.99 -39.58
CA GLY B 66 -3.42 -12.38 -39.91
C GLY B 66 -3.35 -13.32 -38.72
N PHE B 67 -4.15 -13.04 -37.71
CA PHE B 67 -4.23 -13.90 -36.53
C PHE B 67 -5.60 -13.86 -35.89
N LYS B 68 -6.00 -15.01 -35.36
CA LYS B 68 -7.23 -15.12 -34.59
C LYS B 68 -7.06 -14.35 -33.29
N ALA B 69 -8.12 -13.74 -32.81
CA ALA B 69 -8.04 -13.01 -31.55
C ALA B 69 -7.95 -13.99 -30.38
N ILE B 70 -6.87 -13.90 -29.62
CA ILE B 70 -6.80 -14.65 -28.38
C ILE B 70 -7.86 -14.11 -27.45
N ASN B 71 -8.76 -14.98 -27.00
CA ASN B 71 -9.96 -14.57 -26.27
C ASN B 71 -10.19 -15.36 -25.00
N SER B 72 -9.19 -16.12 -24.58
CA SER B 72 -9.30 -16.86 -23.34
C SER B 72 -8.01 -16.75 -22.56
N ILE B 73 -8.12 -16.92 -21.26
CA ILE B 73 -6.96 -16.93 -20.37
C ILE B 73 -5.97 -18.03 -20.78
N VAL B 74 -6.48 -19.21 -21.09
CA VAL B 74 -5.61 -20.32 -21.52
C VAL B 74 -5.01 -20.03 -22.89
N GLY B 75 -5.76 -19.32 -23.72
CA GLY B 75 -5.28 -18.91 -25.03
C GLY B 75 -4.19 -17.86 -24.90
N ALA B 76 -4.12 -17.19 -23.75
CA ALA B 76 -3.15 -16.12 -23.56
C ALA B 76 -1.85 -16.64 -22.92
N GLU B 77 -1.91 -17.80 -22.30
CA GLU B 77 -0.77 -18.39 -21.59
C GLU B 77 0.48 -18.62 -22.45
N PRO B 78 0.32 -19.19 -23.66
CA PRO B 78 1.47 -19.44 -24.54
C PRO B 78 2.32 -18.19 -24.85
N LEU B 79 1.81 -17.00 -24.57
CA LEU B 79 2.58 -15.77 -24.81
C LEU B 79 3.78 -15.67 -23.88
N GLY B 80 3.78 -16.46 -22.81
CA GLY B 80 4.96 -16.57 -21.98
C GLY B 80 6.06 -17.40 -22.63
N PRO B 81 5.84 -18.72 -22.74
CA PRO B 81 6.87 -19.61 -23.30
C PRO B 81 6.81 -19.91 -24.82
N LYS B 82 5.62 -20.01 -25.40
CA LYS B 82 5.50 -20.48 -26.79
C LYS B 82 5.64 -19.40 -27.86
N ILE B 83 4.89 -18.30 -27.71
CA ILE B 83 4.93 -17.20 -28.67
C ILE B 83 5.16 -15.86 -27.98
N PRO B 84 6.37 -15.67 -27.43
CA PRO B 84 6.70 -14.49 -26.63
C PRO B 84 6.64 -13.18 -27.43
N LEU B 85 6.05 -12.16 -26.83
CA LEU B 85 5.93 -10.87 -27.49
C LEU B 85 7.20 -10.07 -27.31
N ASP B 86 7.45 -9.12 -28.22
CA ASP B 86 8.54 -8.20 -28.01
C ASP B 86 8.01 -7.02 -27.19
N CYS B 87 6.70 -6.81 -27.28
CA CYS B 87 6.00 -5.76 -26.55
C CYS B 87 4.52 -6.08 -26.53
N MSE B 88 3.88 -5.81 -25.39
CA MSE B 88 2.44 -5.94 -25.27
C MSE B 88 1.87 -4.54 -25.16
O MSE B 88 2.40 -3.70 -24.45
CB MSE B 88 2.07 -6.75 -24.02
CG MSE B 88 0.58 -6.79 -23.71
SE MSE B 88 -0.42 -7.88 -24.98
CE MSE B 88 -2.24 -7.27 -24.63
N VAL B 89 0.79 -4.28 -25.88
CA VAL B 89 0.14 -3.00 -25.82
C VAL B 89 -1.27 -3.23 -25.28
N ILE B 90 -1.72 -2.34 -24.42
CA ILE B 90 -3.13 -2.32 -24.03
C ILE B 90 -3.70 -0.92 -24.28
N ALA B 91 -4.66 -0.85 -25.19
CA ALA B 91 -5.31 0.41 -25.54
C ALA B 91 -6.66 0.15 -26.16
N PRO B 92 -7.72 0.68 -25.54
CA PRO B 92 -7.53 1.49 -24.34
C PRO B 92 -7.39 0.62 -23.08
N LEU B 93 -6.89 1.24 -22.01
CA LEU B 93 -6.77 0.58 -20.70
C LEU B 93 -7.78 1.19 -19.72
N THR B 94 -8.87 0.47 -19.45
CA THR B 94 -9.90 0.97 -18.53
C THR B 94 -9.42 1.07 -17.09
N GLY B 95 -10.18 1.78 -16.26
CA GLY B 95 -9.83 1.93 -14.87
C GLY B 95 -9.85 0.57 -14.23
N ASN B 96 -10.91 -0.20 -14.47
CA ASN B 96 -11.01 -1.53 -13.93
C ASN B 96 -9.75 -2.38 -14.21
N SER B 97 -9.36 -2.44 -15.47
CA SER B 97 -8.20 -3.25 -15.86
C SER B 97 -6.88 -2.71 -15.32
N MSE B 98 -6.80 -1.40 -15.16
CA MSE B 98 -5.57 -0.82 -14.66
C MSE B 98 -5.40 -1.24 -13.21
O MSE B 98 -4.31 -1.63 -12.78
CB MSE B 98 -5.63 0.72 -14.77
CG MSE B 98 -4.29 1.35 -14.47
SE MSE B 98 -4.23 3.28 -14.74
CE MSE B 98 -5.66 3.75 -13.50
N SER B 99 -6.49 -1.14 -12.45
CA SER B 99 -6.51 -1.56 -11.07
C SER B 99 -6.10 -3.03 -10.93
N LYS B 100 -6.73 -3.90 -11.70
CA LYS B 100 -6.42 -5.32 -11.67
C LYS B 100 -4.97 -5.63 -12.11
N PHE B 101 -4.49 -4.93 -13.12
CA PHE B 101 -3.10 -5.07 -13.56
C PHE B 101 -2.11 -4.64 -12.50
N ALA B 102 -2.35 -3.48 -11.89
CA ALA B 102 -1.47 -3.01 -10.83
C ALA B 102 -1.43 -3.98 -9.63
N ASN B 103 -2.49 -4.76 -9.45
CA ASN B 103 -2.57 -5.68 -8.30
C ASN B 103 -2.14 -7.11 -8.59
N ALA B 104 -1.79 -7.37 -9.85
CA ALA B 104 -1.30 -8.70 -10.25
C ALA B 104 -2.43 -9.71 -10.36
N MSE B 105 -3.61 -9.23 -10.73
CA MSE B 105 -4.73 -10.09 -11.09
C MSE B 105 -4.68 -10.42 -12.59
O MSE B 105 -4.07 -9.70 -13.39
CB MSE B 105 -6.04 -9.41 -10.73
CG MSE B 105 -6.26 -9.38 -9.23
SE MSE B 105 -7.87 -8.43 -8.67
CE MSE B 105 -9.12 -9.36 -9.85
N THR B 106 -5.32 -11.52 -12.96
CA THR B 106 -5.22 -12.00 -14.33
C THR B 106 -6.47 -12.70 -14.82
N ASP B 107 -7.63 -12.23 -14.37
CA ASP B 107 -8.88 -12.87 -14.75
C ASP B 107 -9.41 -12.35 -16.09
N SER B 108 -8.50 -11.97 -16.99
CA SER B 108 -8.89 -11.68 -18.37
C SER B 108 -7.79 -12.05 -19.37
N PRO B 109 -8.17 -12.40 -20.61
CA PRO B 109 -7.13 -12.74 -21.58
C PRO B 109 -6.11 -11.61 -21.74
N VAL B 110 -6.57 -10.35 -21.70
CA VAL B 110 -5.67 -9.20 -21.86
C VAL B 110 -4.66 -9.05 -20.70
N LEU B 111 -5.12 -9.30 -19.48
CA LEU B 111 -4.25 -9.22 -18.30
C LEU B 111 -3.25 -10.37 -18.27
N MSE B 112 -3.72 -11.56 -18.62
CA MSE B 112 -2.85 -12.72 -18.68
C MSE B 112 -1.75 -12.49 -19.70
O MSE B 112 -0.59 -12.82 -19.47
CB MSE B 112 -3.64 -13.98 -19.01
CG MSE B 112 -2.80 -15.25 -19.11
SE MSE B 112 -1.74 -15.64 -17.50
CE MSE B 112 -3.14 -16.41 -16.37
N ALA B 113 -2.11 -11.89 -20.84
CA ALA B 113 -1.14 -11.55 -21.88
C ALA B 113 -0.12 -10.54 -21.35
N ALA B 114 -0.58 -9.56 -20.58
CA ALA B 114 0.33 -8.62 -19.96
C ALA B 114 1.31 -9.35 -19.05
N LYS B 115 0.78 -10.14 -18.13
CA LYS B 115 1.59 -10.93 -17.20
C LYS B 115 2.57 -11.87 -17.89
N ALA B 116 2.11 -12.55 -18.95
CA ALA B 116 2.98 -13.46 -19.71
C ALA B 116 4.13 -12.67 -20.34
N THR B 117 3.89 -11.38 -20.54
CA THR B 117 4.90 -10.51 -21.15
C THR B 117 5.93 -10.02 -20.14
N LEU B 118 5.46 -9.58 -18.98
CA LEU B 118 6.35 -9.18 -17.89
C LEU B 118 7.15 -10.38 -17.36
N ARG B 119 6.55 -11.56 -17.50
CA ARG B 119 7.20 -12.82 -17.17
C ARG B 119 8.59 -12.86 -17.80
N ASN B 120 8.68 -12.36 -19.03
CA ASN B 120 9.92 -12.41 -19.79
C ASN B 120 10.77 -11.15 -19.68
N GLY B 121 10.36 -10.24 -18.79
CA GLY B 121 11.05 -8.96 -18.66
C GLY B 121 10.89 -8.12 -19.91
N LYS B 122 9.76 -8.26 -20.58
CA LYS B 122 9.50 -7.50 -21.79
C LYS B 122 8.49 -6.38 -21.57
N PRO B 123 8.55 -5.34 -22.42
CA PRO B 123 7.75 -4.13 -22.20
C PRO B 123 6.25 -4.27 -22.43
N VAL B 124 5.48 -3.65 -21.54
CA VAL B 124 4.05 -3.49 -21.69
C VAL B 124 3.75 -1.99 -21.85
N VAL B 125 3.01 -1.63 -22.89
CA VAL B 125 2.66 -0.24 -23.12
C VAL B 125 1.19 -0.01 -22.84
N LEU B 126 0.91 0.95 -21.95
CA LEU B 126 -0.47 1.24 -21.52
C LEU B 126 -1.00 2.59 -22.02
N ALA B 127 -2.23 2.60 -22.50
CA ALA B 127 -2.89 3.87 -22.84
C ALA B 127 -4.08 4.12 -21.90
N VAL B 128 -3.86 4.96 -20.88
CA VAL B 128 -4.83 5.08 -19.81
C VAL B 128 -6.08 5.82 -20.23
N SER B 129 -7.19 5.47 -19.60
CA SER B 129 -8.45 6.11 -19.87
C SER B 129 -9.42 5.80 -18.74
N THR B 130 -9.45 6.64 -17.73
CA THR B 130 -10.33 6.39 -16.59
C THR B 130 -10.70 7.69 -15.91
N ASN B 131 -11.96 7.80 -15.50
CA ASN B 131 -12.46 9.05 -14.91
C ASN B 131 -12.10 9.19 -13.43
N ASP B 132 -11.39 8.21 -12.88
CA ASP B 132 -10.92 8.27 -11.49
C ASP B 132 -9.39 8.24 -11.34
N ALA B 133 -8.67 8.56 -12.41
CA ALA B 133 -7.21 8.57 -12.37
C ALA B 133 -6.63 9.47 -11.26
N LEU B 134 -7.31 10.57 -10.95
CA LEU B 134 -6.87 11.44 -9.87
C LEU B 134 -7.72 11.24 -8.60
N GLY B 135 -8.50 10.16 -8.59
CA GLY B 135 -9.13 9.68 -7.37
C GLY B 135 -8.51 8.36 -6.90
N LEU B 136 -9.36 7.39 -6.63
CA LEU B 136 -8.92 6.09 -6.12
C LEU B 136 -7.94 5.32 -6.99
N ASN B 137 -7.98 5.52 -8.31
CA ASN B 137 -7.07 4.80 -9.20
C ASN B 137 -5.68 5.45 -9.30
N GLY B 138 -5.52 6.62 -8.70
CA GLY B 138 -4.24 7.32 -8.72
C GLY B 138 -3.07 6.50 -8.23
N VAL B 139 -3.23 5.81 -7.11
CA VAL B 139 -2.13 5.03 -6.56
C VAL B 139 -1.77 3.88 -7.51
N ASN B 140 -2.76 3.24 -8.09
CA ASN B 140 -2.52 2.14 -9.01
C ASN B 140 -1.74 2.58 -10.23
N LEU B 141 -2.16 3.73 -10.76
CA LEU B 141 -1.48 4.35 -11.89
C LEU B 141 0.01 4.54 -11.59
N MSE B 142 0.31 5.18 -10.46
CA MSE B 142 1.70 5.52 -10.11
C MSE B 142 2.55 4.31 -9.73
O MSE B 142 3.76 4.31 -9.92
CB MSE B 142 1.74 6.57 -9.00
CG MSE B 142 1.27 7.90 -9.46
SE MSE B 142 2.41 8.60 -10.90
CE MSE B 142 1.81 10.48 -10.86
N ARG B 143 1.92 3.30 -9.15
CA ARG B 143 2.60 2.04 -8.93
C ARG B 143 3.07 1.47 -10.29
N LEU B 144 2.19 1.45 -11.28
CA LEU B 144 2.55 0.93 -12.59
C LEU B 144 3.68 1.75 -13.20
N MSE B 145 3.56 3.07 -13.14
CA MSE B 145 4.57 4.01 -13.68
C MSE B 145 5.95 3.68 -13.14
O MSE B 145 6.94 3.83 -13.82
CB MSE B 145 4.25 5.45 -13.28
CG MSE B 145 3.34 6.24 -14.22
SE MSE B 145 4.26 6.97 -15.82
CE MSE B 145 5.99 7.47 -15.04
N ALA B 146 5.97 3.24 -11.89
CA ALA B 146 7.22 3.01 -11.18
C ALA B 146 7.77 1.60 -11.42
N THR B 147 6.97 0.73 -12.04
CA THR B 147 7.31 -0.69 -12.18
C THR B 147 8.21 -1.06 -13.38
N LYS B 148 9.15 -1.97 -13.16
CA LYS B 148 10.05 -2.44 -14.21
C LYS B 148 9.25 -2.82 -15.43
N ASN B 149 9.71 -2.38 -16.60
CA ASN B 149 9.17 -2.84 -17.87
C ASN B 149 7.76 -2.37 -18.24
N ILE B 150 7.29 -1.32 -17.59
CA ILE B 150 5.99 -0.80 -17.92
C ILE B 150 6.09 0.65 -18.37
N TYR B 151 5.41 0.98 -19.46
CA TYR B 151 5.52 2.29 -20.04
C TYR B 151 4.14 2.79 -20.38
N PHE B 152 4.02 4.11 -20.45
CA PHE B 152 2.74 4.77 -20.69
C PHE B 152 2.80 5.67 -21.91
N VAL B 153 1.73 5.58 -22.69
CA VAL B 153 1.42 6.59 -23.69
C VAL B 153 1.14 7.88 -22.94
N PRO B 154 1.77 8.99 -23.35
CA PRO B 154 1.60 10.27 -22.67
C PRO B 154 0.13 10.60 -22.41
N PHE B 155 -0.15 11.10 -21.22
CA PHE B 155 -1.52 11.25 -20.77
C PHE B 155 -1.71 12.51 -19.96
N GLY B 156 -2.96 12.94 -19.82
CA GLY B 156 -3.29 14.08 -18.99
C GLY B 156 -4.79 14.18 -18.81
N GLN B 157 -5.25 15.25 -18.18
CA GLN B 157 -6.67 15.45 -17.99
C GLN B 157 -7.34 15.79 -19.32
N ASP B 158 -8.48 15.18 -19.59
CA ASP B 158 -9.16 15.39 -20.85
C ASP B 158 -10.37 16.29 -20.70
N ALA B 159 -10.72 16.61 -19.47
CA ALA B 159 -11.91 17.42 -19.20
C ALA B 159 -11.94 17.91 -17.76
N PRO B 160 -11.06 18.87 -17.42
CA PRO B 160 -10.85 19.33 -16.05
C PRO B 160 -12.11 19.89 -15.39
N GLU B 161 -13.11 20.32 -16.18
CA GLU B 161 -14.38 20.80 -15.63
C GLU B 161 -15.44 19.71 -15.55
N LYS B 162 -15.65 19.01 -16.65
CA LYS B 162 -16.70 17.99 -16.72
C LYS B 162 -16.33 16.65 -16.04
N LYS B 163 -15.05 16.33 -15.99
CA LYS B 163 -14.56 15.10 -15.35
C LYS B 163 -13.24 15.36 -14.63
N PRO B 164 -13.29 16.05 -13.48
CA PRO B 164 -12.09 16.56 -12.81
C PRO B 164 -11.02 15.51 -12.48
N ASN B 165 -11.40 14.25 -12.27
CA ASN B 165 -10.42 13.25 -11.88
C ASN B 165 -10.01 12.37 -13.07
N SER B 166 -10.43 12.78 -14.26
CA SER B 166 -10.23 11.97 -15.45
C SER B 166 -8.87 12.18 -16.09
N MSE B 167 -8.23 11.10 -16.50
CA MSE B 167 -7.05 11.22 -17.34
C MSE B 167 -7.12 10.23 -18.48
O MSE B 167 -7.65 9.13 -18.32
CB MSE B 167 -5.74 11.13 -16.54
CG MSE B 167 -5.53 12.34 -15.63
SE MSE B 167 -3.71 12.60 -14.96
CE MSE B 167 -3.48 10.96 -13.93
N VAL B 168 -6.63 10.63 -19.65
CA VAL B 168 -6.69 9.83 -20.86
C VAL B 168 -5.43 10.05 -21.66
N ALA B 169 -4.98 8.99 -22.31
CA ALA B 169 -3.78 9.05 -23.13
C ALA B 169 -4.02 9.80 -24.45
N ARG B 170 -2.97 10.43 -24.96
CA ARG B 170 -2.94 10.85 -26.35
C ARG B 170 -2.66 9.65 -27.25
N MSE B 171 -3.71 9.00 -27.73
CA MSE B 171 -3.56 7.84 -28.61
C MSE B 171 -2.59 8.09 -29.77
O MSE B 171 -1.80 7.22 -30.11
CB MSE B 171 -4.92 7.40 -29.17
CG MSE B 171 -5.78 6.64 -28.20
SE MSE B 171 -5.06 4.85 -27.81
CE MSE B 171 -6.40 4.29 -26.48
N GLU B 172 -2.69 9.26 -30.36
CA GLU B 172 -1.86 9.62 -31.51
C GLU B 172 -0.36 9.39 -31.25
N LEU B 173 0.00 9.21 -29.98
CA LEU B 173 1.40 9.03 -29.65
C LEU B 173 1.74 7.58 -29.34
N LEU B 174 0.77 6.69 -29.52
CA LEU B 174 0.98 5.27 -29.20
C LEU B 174 2.21 4.67 -29.87
N GLU B 175 2.38 4.96 -31.17
CA GLU B 175 3.45 4.34 -31.94
C GLU B 175 4.81 4.81 -31.48
N ASP B 176 4.95 6.12 -31.32
CA ASP B 176 6.13 6.73 -30.71
C ASP B 176 6.43 6.14 -29.32
N THR B 177 5.40 5.80 -28.56
CA THR B 177 5.61 5.21 -27.23
C THR B 177 6.13 3.78 -27.34
N VAL B 178 5.54 2.98 -28.22
CA VAL B 178 6.03 1.63 -28.47
C VAL B 178 7.49 1.63 -28.93
N LEU B 179 7.82 2.47 -29.90
CA LEU B 179 9.21 2.58 -30.39
C LEU B 179 10.19 2.81 -29.22
N GLU B 180 9.86 3.75 -28.34
CA GLU B 180 10.71 4.01 -27.18
C GLU B 180 10.73 2.84 -26.18
N ALA B 181 9.58 2.22 -25.95
CA ALA B 181 9.52 1.12 -24.97
C ALA B 181 10.38 -0.05 -25.47
N LEU B 182 10.40 -0.24 -26.79
CA LEU B 182 11.24 -1.29 -27.39
C LEU B 182 12.70 -1.07 -27.05
N GLN B 183 13.06 0.17 -26.74
CA GLN B 183 14.42 0.50 -26.33
C GLN B 183 14.58 0.61 -24.80
N GLY B 184 13.57 0.19 -24.05
CA GLY B 184 13.58 0.32 -22.60
C GLY B 184 13.49 1.76 -22.10
N LYS B 185 12.71 2.58 -22.78
CA LYS B 185 12.61 3.99 -22.45
C LYS B 185 11.17 4.46 -22.43
N GLN B 186 10.88 5.39 -21.52
CA GLN B 186 9.59 6.02 -21.46
C GLN B 186 9.62 7.25 -22.37
N LEU B 187 8.66 7.37 -23.27
CA LEU B 187 8.54 8.56 -24.12
C LEU B 187 8.20 9.82 -23.29
N GLN B 188 8.89 10.92 -23.58
CA GLN B 188 8.73 12.17 -22.85
C GLN B 188 8.30 13.30 -23.79
N PRO B 189 7.51 14.26 -23.28
CA PRO B 189 6.97 14.26 -21.90
C PRO B 189 5.85 13.25 -21.74
N VAL B 190 5.81 12.56 -20.61
CA VAL B 190 4.74 11.59 -20.39
C VAL B 190 3.51 12.23 -19.73
N VAL B 191 3.70 13.38 -19.07
CA VAL B 191 2.56 14.10 -18.51
C VAL B 191 2.29 15.35 -19.32
N VAL B 192 1.11 15.40 -19.94
CA VAL B 192 0.80 16.46 -20.89
C VAL B 192 -0.59 17.04 -20.68
N GLU B 193 -0.82 18.26 -21.16
CA GLU B 193 -2.16 18.81 -21.11
C GLU B 193 -3.01 18.23 -22.24
N LYS B 194 -3.56 17.06 -21.95
CA LYS B 194 -4.36 16.28 -22.90
C LYS B 194 -5.58 17.05 -23.42
N PHE B 195 -6.16 17.89 -22.56
CA PHE B 195 -7.40 18.59 -22.85
C PHE B 195 -7.35 19.59 -24.03
N ARG B 196 -6.16 19.96 -24.46
CA ARG B 196 -6.06 20.79 -25.67
C ARG B 196 -5.67 20.01 -26.93
N TYR B 197 -5.93 18.70 -26.92
CA TYR B 197 -5.83 17.89 -28.13
C TYR B 197 -7.12 17.10 -28.32
N MSE B 198 -8.23 17.66 -27.86
CA MSE B 198 -9.53 17.02 -28.03
C MSE B 198 -10.03 17.13 -29.46
O MSE B 198 -9.52 17.93 -30.26
CB MSE B 198 -10.56 17.63 -27.07
CG MSE B 198 -10.22 17.45 -25.59
SE MSE B 198 -9.79 15.58 -25.12
CE MSE B 198 -7.94 15.56 -25.66
N SER C 2 33.70 -5.01 -16.54
CA SER C 2 33.35 -3.76 -17.23
C SER C 2 33.03 -2.67 -16.20
N LEU C 3 33.72 -2.75 -15.07
CA LEU C 3 33.65 -1.72 -14.06
C LEU C 3 34.56 -0.59 -14.48
N LYS C 4 35.31 -0.83 -15.54
CA LYS C 4 36.32 0.12 -15.99
C LYS C 4 35.72 1.43 -16.53
N GLY C 5 36.21 2.55 -16.02
CA GLY C 5 35.71 3.84 -16.44
C GLY C 5 34.29 4.12 -16.00
N LYS C 6 33.82 3.43 -14.96
CA LYS C 6 32.50 3.71 -14.38
C LYS C 6 32.64 4.49 -13.08
N ARG C 7 31.70 5.40 -12.84
CA ARG C 7 31.62 6.07 -11.55
C ARG C 7 30.64 5.34 -10.62
N ILE C 8 31.17 4.71 -9.57
CA ILE C 8 30.36 3.91 -8.65
C ILE C 8 30.21 4.54 -7.27
N GLY C 9 28.97 4.85 -6.90
CA GLY C 9 28.66 5.31 -5.55
C GLY C 9 28.59 4.15 -4.57
N PHE C 10 29.06 4.36 -3.35
CA PHE C 10 29.05 3.30 -2.34
C PHE C 10 28.65 3.85 -0.97
N GLY C 11 27.46 3.46 -0.53
CA GLY C 11 26.88 3.96 0.70
C GLY C 11 26.82 2.93 1.81
N PHE C 12 26.99 3.41 3.04
CA PHE C 12 26.97 2.55 4.22
C PHE C 12 25.89 3.02 5.17
N THR C 13 25.10 2.08 5.68
CA THR C 13 24.07 2.39 6.67
C THR C 13 24.19 1.45 7.87
N GLY C 14 23.86 1.96 9.04
CA GLY C 14 23.85 1.19 10.26
C GLY C 14 25.03 1.50 11.16
N SER C 15 25.33 0.58 12.05
CA SER C 15 26.51 0.69 12.92
C SER C 15 27.80 0.67 12.09
N HIS C 16 28.84 1.35 12.60
CA HIS C 16 30.10 1.44 11.89
C HIS C 16 30.93 0.15 12.02
N CYS C 17 30.65 -0.60 13.08
CA CYS C 17 31.40 -1.81 13.40
C CYS C 17 31.13 -2.93 12.40
N THR C 18 30.15 -2.72 11.54
CA THR C 18 29.69 -3.77 10.64
C THR C 18 30.18 -3.58 9.21
N TYR C 19 31.38 -3.02 9.06
CA TYR C 19 31.84 -2.62 7.73
C TYR C 19 33.09 -3.36 7.25
N GLU C 20 33.79 -4.02 8.15
CA GLU C 20 34.96 -4.78 7.77
C GLU C 20 34.63 -5.80 6.67
N GLU C 21 33.37 -6.24 6.63
CA GLU C 21 32.93 -7.28 5.69
C GLU C 21 32.69 -6.73 4.28
N VAL C 22 32.80 -5.42 4.12
CA VAL C 22 32.56 -4.79 2.82
C VAL C 22 33.80 -4.08 2.27
N MSE C 23 34.71 -3.70 3.17
CA MSE C 23 35.97 -3.04 2.79
C MSE C 23 36.65 -3.73 1.61
O MSE C 23 37.02 -3.07 0.65
CB MSE C 23 36.93 -3.00 3.97
CG MSE C 23 36.44 -2.18 5.15
SE MSE C 23 36.57 -0.28 4.77
CE MSE C 23 35.44 0.38 6.23
N PRO C 24 36.83 -5.06 1.70
CA PRO C 24 37.47 -5.79 0.60
C PRO C 24 36.73 -5.59 -0.73
N HIS C 25 35.41 -5.46 -0.67
CA HIS C 25 34.63 -5.30 -1.88
C HIS C 25 34.87 -3.94 -2.51
N LEU C 26 35.18 -2.98 -1.65
CA LEU C 26 35.53 -1.66 -2.13
C LEU C 26 36.79 -1.77 -2.97
N GLU C 27 37.81 -2.42 -2.44
CA GLU C 27 39.08 -2.53 -3.12
C GLU C 27 38.99 -3.32 -4.44
N LYS C 28 38.08 -4.28 -4.51
CA LYS C 28 37.91 -5.07 -5.74
C LYS C 28 37.39 -4.18 -6.87
N LEU C 29 36.50 -3.26 -6.51
CA LEU C 29 35.95 -2.29 -7.47
C LEU C 29 37.01 -1.37 -8.03
N ILE C 30 37.91 -0.89 -7.18
CA ILE C 30 38.98 0.00 -7.65
C ILE C 30 39.98 -0.77 -8.50
N ALA C 31 40.29 -2.00 -8.10
CA ALA C 31 41.18 -2.86 -8.86
C ALA C 31 40.60 -3.13 -10.24
N GLU C 32 39.29 -3.10 -10.34
CA GLU C 32 38.62 -3.37 -11.61
C GLU C 32 38.51 -2.13 -12.49
N GLY C 33 39.04 -1.01 -12.00
CA GLY C 33 39.06 0.22 -12.78
C GLY C 33 37.91 1.20 -12.58
N ALA C 34 37.15 1.03 -11.49
CA ALA C 34 36.06 1.94 -11.18
C ALA C 34 36.47 3.11 -10.28
N GLU C 35 35.86 4.26 -10.53
CA GLU C 35 36.00 5.38 -9.61
C GLU C 35 34.91 5.28 -8.55
N VAL C 36 35.31 5.11 -7.30
CA VAL C 36 34.36 4.89 -6.21
C VAL C 36 34.20 6.11 -5.32
N ARG C 37 32.96 6.59 -5.16
CA ARG C 37 32.66 7.73 -4.31
C ARG C 37 31.93 7.24 -3.07
N PRO C 38 32.63 7.16 -1.93
CA PRO C 38 31.94 6.75 -0.71
C PRO C 38 30.96 7.80 -0.19
N VAL C 39 29.85 7.33 0.38
CA VAL C 39 28.97 8.22 1.13
C VAL C 39 28.49 7.52 2.40
N VAL C 40 28.54 8.26 3.50
CA VAL C 40 28.28 7.69 4.81
C VAL C 40 27.06 8.36 5.46
N SER C 41 26.20 7.55 6.07
CA SER C 41 24.97 8.09 6.64
C SER C 41 25.24 8.80 7.98
N TYR C 42 26.52 8.95 8.33
CA TYR C 42 26.90 9.66 9.55
C TYR C 42 28.09 10.59 9.38
N THR C 43 27.85 11.88 9.56
CA THR C 43 28.89 12.90 9.57
C THR C 43 30.02 12.52 10.53
N ALA C 55 37.94 6.74 14.20
CA ALA C 55 38.49 5.44 13.82
C ALA C 55 39.13 5.52 12.44
N GLU C 56 39.50 4.38 11.89
CA GLU C 56 40.10 4.35 10.55
C GLU C 56 39.01 4.10 9.51
N TRP C 57 37.97 3.37 9.91
CA TRP C 57 36.93 2.93 8.97
C TRP C 57 36.53 4.05 8.00
N ILE C 58 36.56 5.29 8.45
CA ILE C 58 36.27 6.40 7.57
C ILE C 58 37.52 6.88 6.84
N LYS C 59 38.59 7.10 7.59
CA LYS C 59 39.84 7.56 7.01
C LYS C 59 40.33 6.54 5.99
N LYS C 60 40.11 5.26 6.29
CA LYS C 60 40.56 4.17 5.43
C LYS C 60 39.81 4.17 4.11
N ILE C 61 38.48 4.17 4.18
CA ILE C 61 37.67 4.19 2.98
C ILE C 61 38.06 5.35 2.07
N GLU C 62 38.43 6.47 2.67
CA GLU C 62 38.86 7.63 1.92
C GLU C 62 40.27 7.42 1.36
N GLU C 63 41.10 6.71 2.11
CA GLU C 63 42.45 6.37 1.66
C GLU C 63 42.37 5.44 0.46
N ILE C 64 41.77 4.26 0.67
CA ILE C 64 41.55 3.30 -0.39
C ILE C 64 41.01 4.00 -1.63
N THR C 65 39.78 4.47 -1.54
CA THR C 65 39.16 5.22 -2.61
C THR C 65 39.91 6.54 -2.75
N GLY C 66 39.70 7.26 -3.84
CA GLY C 66 40.39 8.53 -4.02
C GLY C 66 39.60 9.76 -3.60
N PHE C 67 38.62 9.60 -2.72
CA PHE C 67 37.72 10.70 -2.43
C PHE C 67 37.29 10.84 -0.96
N LYS C 68 37.06 12.07 -0.55
CA LYS C 68 36.47 12.37 0.74
C LYS C 68 35.04 11.86 0.76
N ALA C 69 34.67 11.19 1.83
CA ALA C 69 33.33 10.63 1.93
C ALA C 69 32.29 11.73 1.94
N ILE C 70 31.29 11.63 1.07
CA ILE C 70 30.13 12.49 1.16
C ILE C 70 29.36 12.14 2.42
N ASN C 71 29.12 13.15 3.27
CA ASN C 71 28.56 12.89 4.59
C ASN C 71 27.39 13.82 4.97
N SER C 72 26.82 14.50 3.98
CA SER C 72 25.73 15.41 4.24
C SER C 72 24.73 15.33 3.11
N ILE C 73 23.46 15.60 3.40
CA ILE C 73 22.45 15.64 2.38
C ILE C 73 22.78 16.66 1.28
N VAL C 74 23.19 17.87 1.68
CA VAL C 74 23.65 18.85 0.71
C VAL C 74 24.84 18.29 -0.09
N GLY C 75 25.71 17.57 0.61
CA GLY C 75 26.84 16.92 -0.03
C GLY C 75 26.46 15.86 -1.07
N ALA C 76 25.29 15.26 -0.93
CA ALA C 76 24.89 14.20 -1.87
C ALA C 76 24.08 14.69 -3.08
N GLU C 77 23.49 15.87 -2.96
CA GLU C 77 22.60 16.36 -4.02
C GLU C 77 23.28 16.49 -5.38
N PRO C 78 24.54 16.91 -5.40
CA PRO C 78 25.22 17.04 -6.70
C PRO C 78 25.42 15.71 -7.42
N LEU C 79 25.19 14.58 -6.73
CA LEU C 79 25.22 13.28 -7.42
C LEU C 79 24.15 13.25 -8.50
N GLY C 80 23.22 14.20 -8.44
CA GLY C 80 22.22 14.36 -9.48
C GLY C 80 22.78 15.03 -10.72
N PRO C 81 22.90 16.37 -10.70
CA PRO C 81 23.27 17.09 -11.93
C PRO C 81 24.78 17.21 -12.23
N LYS C 82 25.67 17.15 -11.24
CA LYS C 82 27.08 17.49 -11.47
C LYS C 82 28.04 16.30 -11.54
N ILE C 83 27.93 15.37 -10.60
CA ILE C 83 28.74 14.15 -10.64
C ILE C 83 27.85 12.91 -10.61
N PRO C 84 27.17 12.64 -11.72
CA PRO C 84 26.21 11.53 -11.75
C PRO C 84 26.91 10.16 -11.70
N LEU C 85 26.35 9.25 -10.91
CA LEU C 85 26.91 7.92 -10.77
C LEU C 85 26.48 7.05 -11.93
N ASP C 86 27.32 6.09 -12.30
CA ASP C 86 26.89 5.11 -13.28
C ASP C 86 26.08 4.04 -12.56
N CYS C 87 26.34 3.91 -11.27
CA CYS C 87 25.60 2.99 -10.41
C CYS C 87 25.81 3.41 -8.97
N MSE C 88 24.83 3.13 -8.11
CA MSE C 88 24.93 3.46 -6.69
C MSE C 88 24.70 2.18 -5.89
O MSE C 88 23.74 1.45 -6.15
CB MSE C 88 23.91 4.56 -6.32
CG MSE C 88 23.70 4.81 -4.81
SE MSE C 88 25.20 5.70 -3.89
CE MSE C 88 24.51 5.68 -2.05
N VAL C 89 25.59 1.90 -4.95
CA VAL C 89 25.53 0.67 -4.18
C VAL C 89 25.30 1.04 -2.75
N ILE C 90 24.44 0.29 -2.08
CA ILE C 90 24.26 0.44 -0.65
C ILE C 90 24.44 -0.91 0.01
N ALA C 91 25.53 -1.08 0.73
CA ALA C 91 25.81 -2.31 1.47
C ALA C 91 26.65 -1.97 2.67
N PRO C 92 26.14 -2.31 3.87
CA PRO C 92 24.85 -2.97 4.06
C PRO C 92 23.67 -2.01 3.99
N LEU C 93 22.49 -2.56 3.75
CA LEU C 93 21.27 -1.77 3.73
C LEU C 93 20.43 -2.19 4.93
N THR C 94 20.47 -1.42 6.00
CA THR C 94 19.66 -1.70 7.18
C THR C 94 18.18 -1.70 6.83
N GLY C 95 17.38 -2.33 7.69
CA GLY C 95 15.95 -2.36 7.51
C GLY C 95 15.33 -0.97 7.59
N ASN C 96 15.84 -0.14 8.49
CA ASN C 96 15.42 1.25 8.57
C ASN C 96 15.60 1.98 7.24
N SER C 97 16.81 1.91 6.69
CA SER C 97 17.10 2.59 5.42
C SER C 97 16.34 1.98 4.24
N MSE C 98 16.18 0.67 4.24
CA MSE C 98 15.38 0.04 3.19
C MSE C 98 13.95 0.58 3.17
O MSE C 98 13.42 0.93 2.10
CB MSE C 98 15.34 -1.48 3.37
CG MSE C 98 14.60 -2.14 2.24
SE MSE C 98 14.79 -4.10 2.21
CE MSE C 98 14.28 -4.48 4.06
N SER C 99 13.34 0.66 4.35
CA SER C 99 11.98 1.15 4.49
C SER C 99 11.83 2.60 4.03
N LYS C 100 12.74 3.46 4.45
CA LYS C 100 12.78 4.85 3.99
C LYS C 100 13.02 5.02 2.48
N PHE C 101 13.96 4.25 1.93
CA PHE C 101 14.25 4.25 0.50
C PHE C 101 13.00 3.89 -0.28
N ALA C 102 12.37 2.78 0.10
CA ALA C 102 11.12 2.33 -0.53
C ALA C 102 10.02 3.40 -0.45
N ASN C 103 10.02 4.18 0.63
CA ASN C 103 9.02 5.21 0.83
C ASN C 103 9.44 6.57 0.27
N ALA C 104 10.60 6.61 -0.36
CA ALA C 104 11.11 7.83 -1.00
C ALA C 104 11.37 8.95 0.01
N MSE C 105 11.91 8.59 1.16
CA MSE C 105 12.45 9.53 2.12
C MSE C 105 13.93 9.72 1.82
O MSE C 105 14.56 8.89 1.15
CB MSE C 105 12.28 9.00 3.54
CG MSE C 105 10.83 8.75 3.87
SE MSE C 105 10.42 8.34 5.73
CE MSE C 105 11.80 9.41 6.64
N THR C 106 14.50 10.84 2.29
CA THR C 106 15.87 11.18 1.97
C THR C 106 16.56 11.87 3.11
N ASP C 107 16.23 11.46 4.34
CA ASP C 107 16.78 12.11 5.52
C ASP C 107 18.17 11.59 5.92
N SER C 108 18.91 11.04 4.95
CA SER C 108 20.34 10.74 5.16
C SER C 108 21.11 10.94 3.87
N PRO C 109 22.43 11.14 3.97
CA PRO C 109 23.28 11.24 2.79
C PRO C 109 23.15 10.06 1.82
N VAL C 110 23.06 8.83 2.33
CA VAL C 110 22.98 7.65 1.47
C VAL C 110 21.67 7.62 0.68
N LEU C 111 20.58 7.90 1.38
CA LEU C 111 19.25 7.94 0.78
C LEU C 111 19.18 8.99 -0.32
N MSE C 112 19.81 10.13 -0.08
CA MSE C 112 19.77 11.22 -1.03
C MSE C 112 20.59 10.86 -2.26
O MSE C 112 20.18 11.10 -3.40
CB MSE C 112 20.29 12.50 -0.38
CG MSE C 112 20.44 13.66 -1.34
SE MSE C 112 18.76 14.21 -2.18
CE MSE C 112 17.91 15.10 -0.66
N ALA C 113 21.75 10.25 -2.03
CA ALA C 113 22.61 9.79 -3.11
C ALA C 113 21.83 8.82 -3.99
N ALA C 114 21.05 7.95 -3.34
CA ALA C 114 20.30 6.94 -4.06
C ALA C 114 19.21 7.60 -4.88
N LYS C 115 18.50 8.56 -4.28
CA LYS C 115 17.54 9.37 -5.02
C LYS C 115 18.15 10.08 -6.25
N ALA C 116 19.31 10.71 -6.04
CA ALA C 116 20.02 11.44 -7.09
C ALA C 116 20.42 10.52 -8.25
N THR C 117 20.52 9.23 -7.95
CA THR C 117 20.87 8.25 -8.97
C THR C 117 19.64 7.80 -9.79
N LEU C 118 18.56 7.46 -9.09
CA LEU C 118 17.27 7.16 -9.71
C LEU C 118 16.72 8.34 -10.51
N ARG C 119 17.08 9.55 -10.07
CA ARG C 119 16.77 10.77 -10.81
C ARG C 119 17.18 10.67 -12.30
N ASN C 120 18.31 10.03 -12.55
CA ASN C 120 18.90 9.95 -13.88
C ASN C 120 18.60 8.61 -14.55
N GLY C 121 17.79 7.78 -13.89
CA GLY C 121 17.44 6.49 -14.43
C GLY C 121 18.60 5.50 -14.35
N LYS C 122 19.52 5.76 -13.41
CA LYS C 122 20.67 4.89 -13.23
C LYS C 122 20.46 3.88 -12.09
N PRO C 123 21.11 2.72 -12.18
CA PRO C 123 20.89 1.59 -11.28
C PRO C 123 21.39 1.80 -9.85
N VAL C 124 20.57 1.35 -8.90
CA VAL C 124 20.92 1.34 -7.50
C VAL C 124 20.95 -0.13 -7.11
N VAL C 125 22.03 -0.53 -6.46
CA VAL C 125 22.20 -1.91 -6.07
C VAL C 125 22.13 -2.01 -4.56
N LEU C 126 21.33 -2.94 -4.06
CA LEU C 126 21.12 -3.04 -2.62
C LEU C 126 21.53 -4.40 -2.07
N ALA C 127 22.13 -4.39 -0.88
CA ALA C 127 22.48 -5.60 -0.19
C ALA C 127 21.77 -5.61 1.14
N VAL C 128 20.64 -6.32 1.21
CA VAL C 128 19.75 -6.21 2.36
C VAL C 128 20.34 -6.87 3.58
N SER C 129 20.05 -6.30 4.74
CA SER C 129 20.34 -6.97 5.98
C SER C 129 19.40 -6.54 7.09
N THR C 130 18.36 -7.32 7.31
CA THR C 130 17.40 -6.97 8.34
C THR C 130 16.67 -8.17 8.91
N ASN C 131 16.41 -8.14 10.22
CA ASN C 131 15.77 -9.27 10.87
C ASN C 131 14.25 -9.28 10.74
N ASP C 132 13.70 -8.31 10.01
CA ASP C 132 12.26 -8.27 9.77
C ASP C 132 11.96 -8.30 8.27
N ALA C 133 12.91 -8.81 7.49
CA ALA C 133 12.72 -8.91 6.04
C ALA C 133 11.42 -9.68 5.70
N LEU C 134 11.09 -10.71 6.47
CA LEU C 134 9.89 -11.51 6.20
C LEU C 134 8.71 -11.09 7.07
N GLY C 135 8.91 -10.04 7.88
CA GLY C 135 7.84 -9.45 8.68
C GLY C 135 7.35 -8.16 8.04
N LEU C 136 7.31 -7.06 8.81
CA LEU C 136 6.78 -5.81 8.30
C LEU C 136 7.61 -5.19 7.16
N ASN C 137 8.89 -5.52 7.07
CA ASN C 137 9.74 -4.96 6.00
C ASN C 137 9.57 -5.65 4.65
N GLY C 138 8.88 -6.80 4.65
CA GLY C 138 8.70 -7.58 3.44
C GLY C 138 8.10 -6.84 2.24
N VAL C 139 7.05 -6.07 2.51
CA VAL C 139 6.39 -5.30 1.46
C VAL C 139 7.34 -4.25 0.90
N ASN C 140 8.18 -3.68 1.75
CA ASN C 140 9.12 -2.67 1.29
C ASN C 140 10.19 -3.30 0.39
N LEU C 141 10.70 -4.44 0.83
CA LEU C 141 11.65 -5.20 0.05
C LEU C 141 11.06 -5.46 -1.33
N MSE C 142 9.82 -5.96 -1.37
CA MSE C 142 9.24 -6.38 -2.63
C MSE C 142 8.76 -5.22 -3.52
O MSE C 142 8.67 -5.38 -4.74
CB MSE C 142 8.09 -7.35 -2.38
CG MSE C 142 8.58 -8.70 -1.88
SE MSE C 142 9.67 -9.60 -3.23
CE MSE C 142 9.11 -11.44 -2.81
N ARG C 143 8.42 -4.08 -2.90
CA ARG C 143 8.13 -2.87 -3.67
C ARG C 143 9.38 -2.48 -4.46
N LEU C 144 10.52 -2.46 -3.79
CA LEU C 144 11.79 -2.12 -4.40
C LEU C 144 12.19 -3.08 -5.52
N MSE C 145 12.03 -4.37 -5.27
CA MSE C 145 12.35 -5.41 -6.24
C MSE C 145 11.62 -5.15 -7.53
O MSE C 145 12.15 -5.37 -8.62
CB MSE C 145 11.94 -6.78 -5.72
CG MSE C 145 13.04 -7.55 -5.05
SE MSE C 145 14.07 -8.49 -6.44
CE MSE C 145 12.53 -9.07 -7.46
N ALA C 146 10.38 -4.69 -7.40
CA ALA C 146 9.51 -4.44 -8.54
C ALA C 146 9.85 -3.12 -9.24
N THR C 147 10.69 -2.29 -8.63
CA THR C 147 10.86 -0.91 -9.08
C THR C 147 11.96 -0.68 -10.12
N LYS C 148 11.66 0.18 -11.09
CA LYS C 148 12.61 0.57 -12.14
C LYS C 148 13.99 0.91 -11.57
N ASN C 149 15.01 0.25 -12.09
CA ASN C 149 16.41 0.61 -11.84
C ASN C 149 16.95 0.25 -10.47
N ILE C 150 16.25 -0.64 -9.77
CA ILE C 150 16.70 -1.06 -8.47
C ILE C 150 17.01 -2.57 -8.52
N TYR C 151 18.19 -2.96 -8.05
CA TYR C 151 18.65 -4.35 -8.13
C TYR C 151 19.12 -4.82 -6.75
N PHE C 152 18.96 -6.11 -6.50
CA PHE C 152 19.38 -6.71 -5.23
C PHE C 152 20.52 -7.70 -5.35
N VAL C 153 21.49 -7.61 -4.46
CA VAL C 153 22.43 -8.69 -4.41
C VAL C 153 21.66 -9.87 -3.83
N PRO C 154 21.84 -11.05 -4.42
CA PRO C 154 21.09 -12.26 -4.01
C PRO C 154 21.10 -12.42 -2.48
N PHE C 155 19.96 -12.81 -1.93
CA PHE C 155 19.81 -12.81 -0.48
C PHE C 155 18.88 -13.93 -0.06
N GLY C 156 18.85 -14.22 1.24
CA GLY C 156 17.96 -15.24 1.76
C GLY C 156 18.04 -15.34 3.27
N GLN C 157 17.36 -16.33 3.84
CA GLN C 157 17.40 -16.52 5.29
C GLN C 157 18.81 -16.87 5.79
N ASP C 158 19.30 -16.12 6.77
CA ASP C 158 20.64 -16.35 7.29
C ASP C 158 20.61 -17.22 8.53
N ALA C 159 19.48 -17.24 9.22
CA ALA C 159 19.34 -18.01 10.44
C ALA C 159 17.88 -18.39 10.68
N PRO C 160 17.36 -19.32 9.88
CA PRO C 160 15.92 -19.64 9.85
C PRO C 160 15.32 -20.02 11.21
N GLU C 161 16.11 -20.60 12.11
CA GLU C 161 15.60 -20.97 13.44
C GLU C 161 15.79 -19.86 14.46
N LYS C 162 17.01 -19.32 14.56
CA LYS C 162 17.29 -18.29 15.56
C LYS C 162 16.74 -16.90 15.19
N LYS C 163 16.59 -16.62 13.89
CA LYS C 163 16.10 -15.33 13.39
C LYS C 163 15.13 -15.54 12.24
N PRO C 164 13.94 -16.07 12.53
CA PRO C 164 13.05 -16.52 11.46
C PRO C 164 12.72 -15.51 10.35
N ASN C 165 12.52 -14.23 10.68
CA ASN C 165 12.13 -13.29 9.62
C ASN C 165 13.34 -12.60 8.98
N SER C 166 14.53 -13.02 9.40
CA SER C 166 15.75 -12.40 8.93
C SER C 166 16.15 -12.81 7.51
N MSE C 167 16.50 -11.81 6.69
CA MSE C 167 17.21 -12.08 5.43
C MSE C 167 18.41 -11.15 5.22
O MSE C 167 18.40 -10.00 5.66
CB MSE C 167 16.26 -12.07 4.22
CG MSE C 167 15.26 -13.20 4.29
SE MSE C 167 14.28 -13.50 2.64
CE MSE C 167 13.39 -11.76 2.49
N VAL C 168 19.43 -11.70 4.58
CA VAL C 168 20.71 -11.03 4.38
C VAL C 168 21.28 -11.42 3.03
N ALA C 169 21.86 -10.43 2.36
CA ALA C 169 22.50 -10.66 1.08
C ALA C 169 23.80 -11.47 1.22
N ARG C 170 24.08 -12.26 0.21
CA ARG C 170 25.42 -12.85 0.03
C ARG C 170 26.39 -11.78 -0.46
N MSE C 171 27.07 -11.12 0.47
CA MSE C 171 27.99 -10.03 0.13
C MSE C 171 28.98 -10.38 -0.99
O MSE C 171 29.39 -9.48 -1.73
CB MSE C 171 28.77 -9.61 1.38
CG MSE C 171 28.09 -8.57 2.22
SE MSE C 171 27.71 -6.94 1.19
CE MSE C 171 26.42 -6.15 2.43
N GLU C 172 29.36 -11.65 -1.10
CA GLU C 172 30.35 -12.04 -2.10
C GLU C 172 29.82 -11.99 -3.53
N LEU C 173 28.50 -11.88 -3.71
CA LEU C 173 27.97 -11.68 -5.06
C LEU C 173 27.81 -10.20 -5.41
N LEU C 174 28.37 -9.31 -4.59
CA LEU C 174 28.19 -7.88 -4.80
C LEU C 174 28.64 -7.43 -6.18
N GLU C 175 29.89 -7.72 -6.52
CA GLU C 175 30.48 -7.28 -7.78
C GLU C 175 29.73 -7.80 -9.00
N ASP C 176 29.41 -9.10 -8.98
CA ASP C 176 28.56 -9.69 -10.00
C ASP C 176 27.22 -8.96 -10.08
N THR C 177 26.64 -8.59 -8.95
CA THR C 177 25.36 -7.87 -8.94
C THR C 177 25.49 -6.53 -9.68
N VAL C 178 26.51 -5.76 -9.33
CA VAL C 178 26.66 -4.48 -10.02
C VAL C 178 26.96 -4.65 -11.51
N LEU C 179 27.67 -5.71 -11.89
CA LEU C 179 27.95 -5.95 -13.30
C LEU C 179 26.67 -6.15 -14.12
N GLU C 180 25.76 -6.96 -13.59
CA GLU C 180 24.46 -7.14 -14.25
C GLU C 180 23.66 -5.84 -14.21
N ALA C 181 23.73 -5.12 -13.09
CA ALA C 181 22.94 -3.90 -12.93
C ALA C 181 23.31 -2.87 -14.00
N LEU C 182 24.61 -2.74 -14.24
CA LEU C 182 25.11 -1.82 -15.28
C LEU C 182 24.53 -2.12 -16.66
N GLN C 183 24.02 -3.34 -16.85
CA GLN C 183 23.37 -3.70 -18.11
C GLN C 183 21.85 -3.68 -18.05
N GLY C 184 21.30 -3.20 -16.93
CA GLY C 184 19.87 -3.18 -16.71
C GLY C 184 19.31 -4.57 -16.44
N LYS C 185 20.08 -5.38 -15.72
CA LYS C 185 19.67 -6.75 -15.43
C LYS C 185 19.79 -7.10 -13.95
N GLN C 186 18.86 -7.92 -13.47
CA GLN C 186 18.97 -8.47 -12.12
C GLN C 186 19.75 -9.78 -12.16
N LEU C 187 20.81 -9.86 -11.36
CA LEU C 187 21.56 -11.10 -11.27
C LEU C 187 20.65 -12.24 -10.76
N GLN C 188 20.79 -13.42 -11.34
CA GLN C 188 19.95 -14.57 -11.00
C GLN C 188 20.81 -15.74 -10.56
N PRO C 189 20.32 -16.57 -9.63
CA PRO C 189 19.06 -16.42 -8.88
C PRO C 189 19.22 -15.37 -7.81
N VAL C 190 18.17 -14.60 -7.58
CA VAL C 190 18.22 -13.51 -6.61
C VAL C 190 17.77 -13.99 -5.21
N VAL C 191 17.06 -15.11 -5.16
CA VAL C 191 16.63 -15.69 -3.88
C VAL C 191 17.37 -17.02 -3.61
N VAL C 192 18.20 -17.04 -2.56
CA VAL C 192 19.11 -18.15 -2.34
C VAL C 192 19.08 -18.62 -0.90
N GLU C 193 19.70 -19.77 -0.64
CA GLU C 193 19.74 -20.32 0.71
C GLU C 193 20.95 -19.77 1.44
N LYS C 194 20.79 -18.50 1.85
CA LYS C 194 21.86 -17.75 2.46
C LYS C 194 22.50 -18.50 3.62
N PHE C 195 21.71 -19.33 4.30
CA PHE C 195 22.18 -20.03 5.47
C PHE C 195 23.25 -21.10 5.18
N ARG C 196 23.49 -21.41 3.90
CA ARG C 196 24.53 -22.37 3.53
C ARG C 196 25.84 -21.68 3.17
N TYR C 197 25.85 -20.35 3.23
CA TYR C 197 27.04 -19.61 2.87
C TYR C 197 27.45 -18.80 4.07
N MSE C 198 27.31 -19.42 5.22
CA MSE C 198 27.52 -18.77 6.50
C MSE C 198 28.96 -18.91 7.00
O MSE C 198 29.63 -17.94 7.35
CB MSE C 198 26.55 -19.34 7.50
CG MSE C 198 25.86 -18.33 8.35
SE MSE C 198 25.11 -16.79 7.39
CE MSE C 198 25.22 -15.59 8.91
N SER D 2 0.02 -35.95 13.37
CA SER D 2 -0.87 -35.24 14.29
C SER D 2 -1.91 -34.41 13.53
N LEU D 3 -1.95 -34.63 12.23
CA LEU D 3 -3.07 -34.24 11.42
C LEU D 3 -4.26 -35.09 11.83
N LYS D 4 -3.97 -36.11 12.64
CA LYS D 4 -5.00 -37.05 13.07
C LYS D 4 -6.17 -36.37 13.75
N GLY D 5 -7.36 -36.52 13.18
CA GLY D 5 -8.56 -35.92 13.73
C GLY D 5 -8.84 -34.47 13.33
N LYS D 6 -7.89 -33.81 12.68
CA LYS D 6 -8.07 -32.39 12.31
C LYS D 6 -9.03 -32.28 11.14
N ARG D 7 -9.83 -31.22 11.10
CA ARG D 7 -10.65 -30.95 9.92
C ARG D 7 -9.92 -29.96 9.00
N ILE D 8 -9.53 -30.45 7.82
CA ILE D 8 -8.66 -29.70 6.95
C ILE D 8 -9.31 -29.43 5.60
N GLY D 9 -9.41 -28.15 5.27
CA GLY D 9 -9.95 -27.74 3.99
C GLY D 9 -8.83 -27.82 2.97
N PHE D 10 -9.17 -28.22 1.75
CA PHE D 10 -8.18 -28.30 0.70
C PHE D 10 -8.78 -27.68 -0.55
N GLY D 11 -8.29 -26.49 -0.88
CA GLY D 11 -8.79 -25.75 -2.03
C GLY D 11 -7.73 -25.71 -3.11
N PHE D 12 -8.17 -25.57 -4.35
CA PHE D 12 -7.22 -25.47 -5.44
C PHE D 12 -7.74 -24.53 -6.49
N THR D 13 -6.81 -23.78 -7.07
CA THR D 13 -7.11 -22.68 -7.97
C THR D 13 -6.33 -22.89 -9.25
N GLY D 14 -6.87 -22.39 -10.37
CA GLY D 14 -6.20 -22.42 -11.65
C GLY D 14 -6.62 -23.55 -12.59
N SER D 15 -5.76 -23.84 -13.55
CA SER D 15 -5.98 -24.94 -14.51
C SER D 15 -6.16 -26.29 -13.80
N HIS D 16 -6.92 -27.18 -14.42
CA HIS D 16 -7.22 -28.49 -13.84
C HIS D 16 -6.01 -29.45 -13.90
N CYS D 17 -5.37 -29.52 -15.06
CA CYS D 17 -4.28 -30.48 -15.29
C CYS D 17 -3.10 -30.32 -14.33
N THR D 18 -2.98 -29.13 -13.73
CA THR D 18 -1.86 -28.85 -12.83
C THR D 18 -2.10 -29.39 -11.43
N TYR D 19 -3.13 -30.23 -11.29
CA TYR D 19 -3.58 -30.68 -9.98
C TYR D 19 -3.08 -32.06 -9.51
N GLU D 20 -2.52 -32.86 -10.41
CA GLU D 20 -2.05 -34.19 -10.01
C GLU D 20 -0.91 -34.12 -9.00
N GLU D 21 -0.40 -32.91 -8.79
CA GLU D 21 0.64 -32.69 -7.78
C GLU D 21 0.04 -32.64 -6.37
N VAL D 22 -1.29 -32.51 -6.29
CA VAL D 22 -2.00 -32.47 -5.01
C VAL D 22 -2.91 -33.69 -4.80
N MSE D 23 -3.22 -34.41 -5.87
CA MSE D 23 -3.96 -35.66 -5.78
C MSE D 23 -3.44 -36.59 -4.68
O MSE D 23 -4.19 -37.09 -3.85
CB MSE D 23 -3.94 -36.39 -7.12
CG MSE D 23 -5.15 -36.11 -7.98
SE MSE D 23 -6.73 -36.91 -7.16
CE MSE D 23 -7.90 -36.80 -8.73
N PRO D 24 -2.12 -36.86 -4.69
CA PRO D 24 -1.51 -37.68 -3.65
C PRO D 24 -1.50 -37.01 -2.28
N HIS D 25 -1.63 -35.68 -2.21
CA HIS D 25 -1.64 -34.99 -0.93
C HIS D 25 -2.92 -35.22 -0.15
N LEU D 26 -4.05 -35.15 -0.85
CA LEU D 26 -5.33 -35.52 -0.23
C LEU D 26 -5.19 -36.89 0.41
N GLU D 27 -4.66 -37.83 -0.37
CA GLU D 27 -4.43 -39.20 0.08
C GLU D 27 -3.52 -39.25 1.31
N LYS D 28 -2.46 -38.44 1.30
CA LYS D 28 -1.59 -38.37 2.47
C LYS D 28 -2.38 -37.93 3.69
N LEU D 29 -3.06 -36.79 3.58
CA LEU D 29 -3.82 -36.24 4.70
C LEU D 29 -4.80 -37.24 5.30
N ILE D 30 -5.56 -37.93 4.45
CA ILE D 30 -6.51 -38.91 4.94
C ILE D 30 -5.82 -40.11 5.57
N ALA D 31 -4.79 -40.63 4.92
CA ALA D 31 -4.02 -41.73 5.48
C ALA D 31 -3.50 -41.33 6.86
N GLU D 32 -3.32 -40.04 7.04
CA GLU D 32 -2.84 -39.48 8.31
C GLU D 32 -3.94 -39.30 9.37
N GLY D 33 -5.18 -39.58 9.01
CA GLY D 33 -6.29 -39.47 9.95
C GLY D 33 -7.09 -38.17 9.88
N ALA D 34 -6.72 -37.28 8.98
CA ALA D 34 -7.43 -36.00 8.90
C ALA D 34 -8.77 -36.17 8.20
N GLU D 35 -9.71 -35.30 8.55
CA GLU D 35 -10.94 -35.18 7.80
C GLU D 35 -10.73 -34.07 6.76
N VAL D 36 -10.85 -34.43 5.48
CA VAL D 36 -10.52 -33.51 4.39
C VAL D 36 -11.75 -32.98 3.64
N ARG D 37 -11.97 -31.66 3.65
CA ARG D 37 -13.08 -31.06 2.90
C ARG D 37 -12.57 -30.33 1.67
N PRO D 38 -12.82 -30.90 0.48
CA PRO D 38 -12.35 -30.27 -0.75
C PRO D 38 -13.13 -29.00 -1.11
N VAL D 39 -12.41 -28.01 -1.62
CA VAL D 39 -13.01 -26.78 -2.10
C VAL D 39 -12.47 -26.49 -3.49
N VAL D 40 -13.38 -26.38 -4.47
CA VAL D 40 -12.96 -26.10 -5.84
C VAL D 40 -13.45 -24.72 -6.27
N SER D 41 -12.55 -23.93 -6.82
CA SER D 41 -12.89 -22.58 -7.27
C SER D 41 -13.62 -22.58 -8.61
N TYR D 42 -13.87 -23.79 -9.15
CA TYR D 42 -14.79 -23.95 -10.29
C TYR D 42 -16.02 -24.80 -9.93
N THR D 43 -17.19 -24.29 -10.29
CA THR D 43 -18.47 -24.89 -9.88
C THR D 43 -18.56 -26.39 -10.12
N ALA D 55 -14.02 -33.25 -16.42
CA ALA D 55 -13.76 -33.10 -14.99
C ALA D 55 -14.45 -34.19 -14.17
N GLU D 56 -13.79 -35.33 -14.04
CA GLU D 56 -14.30 -36.46 -13.27
C GLU D 56 -13.41 -36.69 -12.07
N TRP D 57 -12.16 -36.27 -12.20
CA TRP D 57 -11.19 -36.32 -11.10
C TRP D 57 -11.82 -35.73 -9.83
N ILE D 58 -12.90 -34.99 -10.00
CA ILE D 58 -13.60 -34.38 -8.88
C ILE D 58 -14.39 -35.40 -8.09
N LYS D 59 -15.10 -36.29 -8.78
CA LYS D 59 -15.80 -37.37 -8.09
C LYS D 59 -14.79 -38.35 -7.46
N LYS D 60 -13.60 -38.40 -8.03
CA LYS D 60 -12.52 -39.20 -7.46
C LYS D 60 -12.05 -38.57 -6.15
N ILE D 61 -11.81 -37.27 -6.18
CA ILE D 61 -11.48 -36.50 -4.98
C ILE D 61 -12.57 -36.67 -3.93
N GLU D 62 -13.81 -36.69 -4.38
CA GLU D 62 -14.95 -36.77 -3.49
C GLU D 62 -15.10 -38.17 -2.89
N GLU D 63 -14.64 -39.18 -3.61
CA GLU D 63 -14.64 -40.53 -3.08
C GLU D 63 -13.51 -40.70 -2.07
N ILE D 64 -12.33 -40.19 -2.42
CA ILE D 64 -11.16 -40.20 -1.55
C ILE D 64 -11.47 -39.59 -0.18
N THR D 65 -12.15 -38.43 -0.19
CA THR D 65 -12.38 -37.68 1.04
C THR D 65 -13.68 -38.06 1.75
N GLY D 66 -14.65 -38.52 0.98
CA GLY D 66 -15.97 -38.79 1.54
C GLY D 66 -16.81 -37.54 1.70
N PHE D 67 -16.41 -36.46 1.03
CA PHE D 67 -17.22 -35.24 1.02
C PHE D 67 -17.35 -34.69 -0.37
N LYS D 68 -18.55 -34.21 -0.70
CA LYS D 68 -18.76 -33.48 -1.94
C LYS D 68 -17.94 -32.21 -1.86
N ALA D 69 -17.25 -31.89 -2.95
CA ALA D 69 -16.44 -30.67 -3.00
C ALA D 69 -17.33 -29.45 -2.85
N ILE D 70 -16.88 -28.50 -2.06
CA ILE D 70 -17.57 -27.22 -1.98
C ILE D 70 -17.22 -26.48 -3.26
N ASN D 71 -18.24 -25.96 -3.95
CA ASN D 71 -18.07 -25.41 -5.28
C ASN D 71 -18.89 -24.16 -5.53
N SER D 72 -19.32 -23.52 -4.46
CA SER D 72 -19.95 -22.22 -4.56
C SER D 72 -19.59 -21.39 -3.34
N ILE D 73 -19.59 -20.08 -3.53
CA ILE D 73 -19.32 -19.14 -2.46
C ILE D 73 -20.29 -19.38 -1.29
N VAL D 74 -21.54 -19.66 -1.60
CA VAL D 74 -22.55 -19.87 -0.55
C VAL D 74 -22.31 -21.19 0.18
N GLY D 75 -21.83 -22.19 -0.54
CA GLY D 75 -21.49 -23.47 0.07
C GLY D 75 -20.25 -23.38 0.94
N ALA D 76 -19.54 -22.27 0.86
CA ALA D 76 -18.31 -22.08 1.62
C ALA D 76 -18.56 -21.30 2.91
N GLU D 77 -19.53 -20.39 2.89
CA GLU D 77 -19.84 -19.58 4.07
C GLU D 77 -19.96 -20.37 5.38
N PRO D 78 -20.60 -21.56 5.35
CA PRO D 78 -20.81 -22.30 6.60
C PRO D 78 -19.50 -22.79 7.21
N LEU D 79 -18.41 -22.73 6.44
CA LEU D 79 -17.08 -23.08 6.95
C LEU D 79 -16.71 -22.14 8.08
N GLY D 80 -17.46 -21.04 8.20
CA GLY D 80 -17.25 -20.09 9.27
C GLY D 80 -17.96 -20.45 10.56
N PRO D 81 -19.30 -20.27 10.59
CA PRO D 81 -20.03 -20.60 11.82
C PRO D 81 -20.32 -22.09 12.05
N LYS D 82 -20.60 -22.85 11.00
CA LYS D 82 -21.14 -24.20 11.19
C LYS D 82 -20.11 -25.32 11.26
N ILE D 83 -19.28 -25.44 10.23
CA ILE D 83 -18.26 -26.49 10.20
C ILE D 83 -16.83 -25.95 10.16
N PRO D 84 -16.36 -25.42 11.29
CA PRO D 84 -15.07 -24.71 11.23
C PRO D 84 -13.88 -25.63 11.00
N LEU D 85 -13.02 -25.23 10.07
CA LEU D 85 -11.83 -26.01 9.78
C LEU D 85 -10.78 -25.71 10.82
N ASP D 86 -9.96 -26.70 11.10
CA ASP D 86 -8.78 -26.48 11.92
C ASP D 86 -7.67 -25.85 11.08
N CYS D 87 -7.70 -26.11 9.79
CA CYS D 87 -6.75 -25.53 8.87
C CYS D 87 -7.35 -25.51 7.47
N MSE D 88 -7.08 -24.42 6.75
CA MSE D 88 -7.43 -24.33 5.33
C MSE D 88 -6.14 -24.37 4.54
O MSE D 88 -5.22 -23.59 4.80
CB MSE D 88 -8.20 -23.02 5.07
CG MSE D 88 -8.56 -22.75 3.61
SE MSE D 88 -9.77 -24.10 2.87
CE MSE D 88 -9.60 -23.70 0.94
N VAL D 89 -6.05 -25.28 3.57
CA VAL D 89 -4.93 -25.34 2.63
C VAL D 89 -5.39 -24.85 1.27
N ILE D 90 -4.58 -24.01 0.62
CA ILE D 90 -4.81 -23.68 -0.79
C ILE D 90 -3.56 -24.08 -1.58
N ALA D 91 -3.74 -24.98 -2.54
CA ALA D 91 -2.59 -25.54 -3.23
C ALA D 91 -3.04 -26.27 -4.48
N PRO D 92 -2.59 -25.80 -5.66
CA PRO D 92 -1.73 -24.62 -5.79
C PRO D 92 -2.48 -23.31 -5.59
N LEU D 93 -1.73 -22.27 -5.22
CA LEU D 93 -2.28 -20.94 -5.10
C LEU D 93 -1.74 -20.12 -6.28
N THR D 94 -2.63 -19.77 -7.20
CA THR D 94 -2.23 -19.00 -8.37
C THR D 94 -1.93 -17.55 -7.99
N GLY D 95 -1.22 -16.85 -8.86
CA GLY D 95 -0.96 -15.44 -8.66
C GLY D 95 -2.28 -14.66 -8.56
N ASN D 96 -3.21 -14.98 -9.44
CA ASN D 96 -4.50 -14.31 -9.42
C ASN D 96 -5.22 -14.44 -8.06
N SER D 97 -5.28 -15.66 -7.52
CA SER D 97 -5.96 -15.90 -6.24
C SER D 97 -5.15 -15.35 -5.05
N MSE D 98 -3.83 -15.40 -5.14
CA MSE D 98 -2.98 -14.81 -4.11
C MSE D 98 -3.21 -13.29 -3.98
O MSE D 98 -3.27 -12.75 -2.88
CB MSE D 98 -1.51 -15.08 -4.41
CG MSE D 98 -0.59 -14.45 -3.38
SE MSE D 98 1.25 -15.09 -3.46
CE MSE D 98 1.83 -14.09 -5.03
N SER D 99 -3.29 -12.62 -5.11
CA SER D 99 -3.58 -11.20 -5.13
C SER D 99 -4.95 -10.92 -4.54
N LYS D 100 -5.94 -11.71 -4.94
CA LYS D 100 -7.28 -11.53 -4.41
C LYS D 100 -7.34 -11.81 -2.88
N PHE D 101 -6.73 -12.91 -2.45
CA PHE D 101 -6.62 -13.23 -1.03
C PHE D 101 -5.97 -12.05 -0.28
N ALA D 102 -4.82 -11.57 -0.74
CA ALA D 102 -4.10 -10.49 -0.04
C ALA D 102 -4.95 -9.23 0.09
N ASN D 103 -5.84 -9.03 -0.88
CA ASN D 103 -6.69 -7.84 -0.87
C ASN D 103 -8.07 -8.09 -0.23
N ALA D 104 -8.28 -9.30 0.27
CA ALA D 104 -9.52 -9.65 0.96
C ALA D 104 -10.74 -9.67 0.04
N MSE D 105 -10.56 -10.10 -1.21
CA MSE D 105 -11.69 -10.38 -2.09
C MSE D 105 -12.14 -11.80 -1.85
O MSE D 105 -11.37 -12.62 -1.34
CB MSE D 105 -11.28 -10.16 -3.53
CG MSE D 105 -10.89 -8.72 -3.80
SE MSE D 105 -10.32 -8.30 -5.62
CE MSE D 105 -11.64 -9.32 -6.63
N THR D 106 -13.38 -12.11 -2.19
CA THR D 106 -13.89 -13.45 -1.93
C THR D 106 -14.73 -14.02 -3.06
N ASP D 107 -14.39 -13.67 -4.30
CA ASP D 107 -15.25 -14.01 -5.43
C ASP D 107 -15.04 -15.44 -5.96
N SER D 108 -14.68 -16.35 -5.07
CA SER D 108 -14.49 -17.75 -5.45
C SER D 108 -14.70 -18.61 -4.22
N PRO D 109 -15.09 -19.88 -4.42
CA PRO D 109 -15.36 -20.79 -3.29
C PRO D 109 -14.16 -20.93 -2.35
N VAL D 110 -12.99 -20.98 -2.95
CA VAL D 110 -11.75 -21.18 -2.21
C VAL D 110 -11.36 -19.96 -1.38
N LEU D 111 -11.50 -18.77 -1.98
CA LEU D 111 -11.21 -17.52 -1.27
C LEU D 111 -12.18 -17.31 -0.10
N MSE D 112 -13.45 -17.65 -0.31
CA MSE D 112 -14.44 -17.51 0.75
C MSE D 112 -14.16 -18.50 1.88
O MSE D 112 -14.36 -18.18 3.06
CB MSE D 112 -15.86 -17.70 0.21
CG MSE D 112 -16.91 -17.76 1.32
SE MSE D 112 -17.08 -16.03 2.27
CE MSE D 112 -17.99 -15.01 0.90
N ALA D 113 -13.68 -19.69 1.51
CA ALA D 113 -13.30 -20.73 2.47
C ALA D 113 -12.15 -20.26 3.34
N ALA D 114 -11.16 -19.63 2.69
CA ALA D 114 -10.00 -19.08 3.38
C ALA D 114 -10.40 -17.96 4.34
N LYS D 115 -11.33 -17.11 3.89
CA LYS D 115 -11.87 -16.05 4.72
C LYS D 115 -12.64 -16.61 5.92
N ALA D 116 -13.49 -17.62 5.69
CA ALA D 116 -14.29 -18.19 6.78
C ALA D 116 -13.40 -18.86 7.83
N THR D 117 -12.15 -19.11 7.45
CA THR D 117 -11.20 -19.71 8.38
C THR D 117 -10.45 -18.67 9.21
N LEU D 118 -10.05 -17.57 8.57
CA LEU D 118 -9.37 -16.46 9.24
C LEU D 118 -10.36 -15.73 10.15
N ARG D 119 -11.63 -15.84 9.82
CA ARG D 119 -12.71 -15.35 10.68
C ARG D 119 -12.59 -15.88 12.10
N ASN D 120 -12.08 -17.11 12.26
CA ASN D 120 -12.04 -17.79 13.56
C ASN D 120 -10.64 -17.82 14.16
N GLY D 121 -9.70 -17.09 13.57
CA GLY D 121 -8.33 -17.10 14.04
C GLY D 121 -7.61 -18.41 13.74
N LYS D 122 -8.09 -19.13 12.73
CA LYS D 122 -7.51 -20.43 12.37
C LYS D 122 -6.54 -20.35 11.20
N PRO D 123 -5.60 -21.31 11.14
CA PRO D 123 -4.53 -21.24 10.15
C PRO D 123 -4.96 -21.54 8.71
N VAL D 124 -4.39 -20.74 7.81
CA VAL D 124 -4.50 -20.93 6.37
C VAL D 124 -3.10 -21.18 5.87
N VAL D 125 -2.91 -22.27 5.14
CA VAL D 125 -1.62 -22.63 4.57
C VAL D 125 -1.68 -22.47 3.07
N LEU D 126 -0.71 -21.74 2.53
CA LEU D 126 -0.69 -21.40 1.12
C LEU D 126 0.54 -22.02 0.43
N ALA D 127 0.34 -22.60 -0.75
CA ALA D 127 1.46 -23.02 -1.62
C ALA D 127 1.51 -22.19 -2.89
N VAL D 128 2.34 -21.15 -2.88
CA VAL D 128 2.44 -20.24 -4.00
C VAL D 128 2.95 -20.89 -5.26
N SER D 129 2.47 -20.36 -6.38
CA SER D 129 2.93 -20.70 -7.71
C SER D 129 2.53 -19.61 -8.70
N THR D 130 3.42 -18.65 -8.94
CA THR D 130 3.13 -17.61 -9.91
C THR D 130 4.43 -17.10 -10.52
N ASN D 131 4.39 -16.77 -11.81
CA ASN D 131 5.57 -16.29 -12.52
C ASN D 131 5.83 -14.79 -12.31
N ASP D 132 4.99 -14.14 -11.49
CA ASP D 132 5.21 -12.72 -11.15
C ASP D 132 5.44 -12.48 -9.67
N ALA D 133 5.83 -13.53 -8.96
CA ALA D 133 6.05 -13.43 -7.52
C ALA D 133 7.08 -12.36 -7.12
N LEU D 134 8.12 -12.17 -7.93
CA LEU D 134 9.13 -11.15 -7.65
C LEU D 134 8.93 -9.94 -8.53
N GLY D 135 7.79 -9.87 -9.19
CA GLY D 135 7.39 -8.68 -9.92
C GLY D 135 6.27 -8.01 -9.14
N LEU D 136 5.16 -7.76 -9.81
CA LEU D 136 4.02 -7.10 -9.20
C LEU D 136 3.36 -7.87 -8.05
N ASN D 137 3.54 -9.18 -8.00
CA ASN D 137 2.83 -9.95 -6.99
C ASN D 137 3.58 -10.01 -5.66
N GLY D 138 4.82 -9.51 -5.68
CA GLY D 138 5.70 -9.59 -4.52
C GLY D 138 5.14 -9.00 -3.24
N VAL D 139 4.57 -7.82 -3.40
CA VAL D 139 3.98 -7.07 -2.28
C VAL D 139 2.77 -7.81 -1.72
N ASN D 140 2.08 -8.56 -2.56
CA ASN D 140 0.94 -9.35 -2.09
C ASN D 140 1.41 -10.54 -1.28
N LEU D 141 2.44 -11.20 -1.79
CA LEU D 141 3.06 -12.31 -1.12
C LEU D 141 3.50 -11.89 0.29
N MSE D 142 4.27 -10.81 0.36
CA MSE D 142 4.81 -10.35 1.63
C MSE D 142 3.77 -9.84 2.59
O MSE D 142 3.97 -9.92 3.81
CB MSE D 142 5.90 -9.30 1.45
CG MSE D 142 7.19 -9.88 0.90
SE MSE D 142 7.85 -11.36 1.99
CE MSE D 142 9.69 -11.33 1.28
N ARG D 143 2.66 -9.31 2.08
CA ARG D 143 1.60 -8.81 2.95
C ARG D 143 1.01 -10.01 3.69
N LEU D 144 0.78 -11.09 2.96
CA LEU D 144 0.29 -12.34 3.52
C LEU D 144 1.28 -12.97 4.50
N MSE D 145 2.53 -13.08 4.08
CA MSE D 145 3.59 -13.61 4.94
C MSE D 145 3.51 -12.94 6.30
O MSE D 145 3.71 -13.58 7.32
CB MSE D 145 4.99 -13.36 4.36
CG MSE D 145 5.61 -14.52 3.59
SE MSE D 145 6.24 -15.97 4.76
CE MSE D 145 7.24 -14.93 6.06
N ALA D 146 3.27 -11.63 6.30
CA ALA D 146 3.27 -10.86 7.56
C ALA D 146 1.99 -10.96 8.39
N THR D 147 0.93 -11.57 7.83
CA THR D 147 -0.44 -11.52 8.40
C THR D 147 -0.79 -12.63 9.41
N LYS D 148 -1.55 -12.28 10.45
CA LYS D 148 -1.96 -13.29 11.43
C LYS D 148 -2.57 -14.52 10.77
N ASN D 149 -2.14 -15.69 11.22
CA ASN D 149 -2.73 -16.96 10.86
C ASN D 149 -2.52 -17.39 9.40
N ILE D 150 -1.56 -16.78 8.72
CA ILE D 150 -1.25 -17.24 7.38
C ILE D 150 0.13 -17.84 7.30
N TYR D 151 0.22 -19.05 6.72
CA TYR D 151 1.49 -19.74 6.62
C TYR D 151 1.81 -20.19 5.19
N PHE D 152 3.10 -20.29 4.89
CA PHE D 152 3.53 -20.68 3.56
C PHE D 152 4.26 -22.00 3.52
N VAL D 153 3.93 -22.81 2.53
CA VAL D 153 4.77 -23.95 2.22
C VAL D 153 6.07 -23.34 1.69
N PRO D 154 7.22 -23.78 2.23
CA PRO D 154 8.50 -23.20 1.77
C PRO D 154 8.58 -23.12 0.25
N PHE D 155 9.14 -22.03 -0.27
CA PHE D 155 9.07 -21.74 -1.69
C PHE D 155 10.30 -20.98 -2.15
N GLY D 156 10.46 -20.90 -3.47
CA GLY D 156 11.55 -20.15 -4.08
C GLY D 156 11.46 -20.10 -5.59
N GLN D 157 12.52 -19.62 -6.23
CA GLN D 157 12.61 -19.62 -7.68
C GLN D 157 12.74 -21.05 -8.23
N ASP D 158 11.88 -21.40 -9.18
CA ASP D 158 11.87 -22.72 -9.81
C ASP D 158 12.61 -22.69 -11.15
N ALA D 159 12.88 -21.50 -11.65
CA ALA D 159 13.50 -21.37 -12.98
C ALA D 159 14.09 -19.97 -13.15
N PRO D 160 15.21 -19.70 -12.46
CA PRO D 160 15.77 -18.34 -12.44
C PRO D 160 16.20 -17.79 -13.82
N GLU D 161 16.56 -18.61 -14.80
CA GLU D 161 16.82 -18.04 -16.14
C GLU D 161 15.57 -17.98 -17.02
N LYS D 162 14.81 -19.07 -17.06
CA LYS D 162 13.60 -19.15 -17.90
C LYS D 162 12.45 -18.26 -17.39
N LYS D 163 12.23 -18.23 -16.08
CA LYS D 163 11.16 -17.42 -15.51
C LYS D 163 11.69 -16.65 -14.32
N PRO D 164 12.44 -15.57 -14.59
CA PRO D 164 13.20 -14.87 -13.54
C PRO D 164 12.35 -14.39 -12.35
N ASN D 165 11.08 -14.05 -12.56
CA ASN D 165 10.27 -13.54 -11.45
C ASN D 165 9.40 -14.62 -10.81
N SER D 166 9.58 -15.88 -11.22
CA SER D 166 8.74 -16.97 -10.75
C SER D 166 9.14 -17.57 -9.38
N MSE D 167 8.13 -17.82 -8.54
CA MSE D 167 8.34 -18.59 -7.32
C MSE D 167 7.21 -19.58 -7.11
O MSE D 167 6.06 -19.33 -7.49
CB MSE D 167 8.58 -17.71 -6.10
CG MSE D 167 9.87 -16.87 -6.23
SE MSE D 167 10.46 -16.12 -4.53
CE MSE D 167 8.89 -15.02 -4.15
N VAL D 168 7.55 -20.72 -6.52
CA VAL D 168 6.69 -21.89 -6.46
C VAL D 168 7.08 -22.66 -5.20
N ALA D 169 6.07 -23.15 -4.49
CA ALA D 169 6.33 -23.91 -3.28
C ALA D 169 6.89 -25.31 -3.60
N ARG D 170 7.63 -25.84 -2.65
CA ARG D 170 7.95 -27.26 -2.63
C ARG D 170 6.72 -28.00 -2.09
N MSE D 171 5.83 -28.43 -2.98
CA MSE D 171 4.61 -29.17 -2.60
C MSE D 171 4.83 -30.34 -1.65
O MSE D 171 3.95 -30.68 -0.84
CB MSE D 171 3.91 -29.72 -3.84
CG MSE D 171 3.20 -28.69 -4.68
SE MSE D 171 1.64 -27.95 -3.73
CE MSE D 171 0.91 -26.99 -5.26
N GLU D 172 6.00 -30.96 -1.76
CA GLU D 172 6.29 -32.15 -0.98
C GLU D 172 6.37 -31.81 0.50
N LEU D 173 6.57 -30.53 0.82
CA LEU D 173 6.62 -30.10 2.20
C LEU D 173 5.25 -29.64 2.71
N LEU D 174 4.19 -29.91 1.96
CA LEU D 174 2.84 -29.46 2.30
C LEU D 174 2.39 -29.94 3.70
N GLU D 175 2.47 -31.24 3.90
CA GLU D 175 2.05 -31.84 5.16
C GLU D 175 2.90 -31.35 6.34
N ASP D 176 4.20 -31.21 6.15
CA ASP D 176 5.03 -30.66 7.21
C ASP D 176 4.63 -29.24 7.57
N THR D 177 4.21 -28.47 6.56
CA THR D 177 3.81 -27.10 6.78
C THR D 177 2.51 -27.00 7.57
N VAL D 178 1.51 -27.79 7.20
CA VAL D 178 0.28 -27.71 7.98
C VAL D 178 0.44 -28.26 9.40
N LEU D 179 1.36 -29.21 9.60
CA LEU D 179 1.66 -29.70 10.95
C LEU D 179 2.18 -28.59 11.84
N GLU D 180 3.09 -27.77 11.31
CA GLU D 180 3.59 -26.62 12.05
C GLU D 180 2.50 -25.55 12.24
N ALA D 181 1.68 -25.35 11.21
CA ALA D 181 0.67 -24.30 11.26
C ALA D 181 -0.39 -24.59 12.32
N LEU D 182 -0.75 -25.85 12.49
CA LEU D 182 -1.70 -26.23 13.55
C LEU D 182 -1.19 -25.88 14.95
N GLN D 183 0.13 -25.75 15.09
CA GLN D 183 0.74 -25.28 16.32
C GLN D 183 1.00 -23.79 16.28
N GLY D 184 0.54 -23.15 15.21
CA GLY D 184 0.79 -21.73 15.02
C GLY D 184 2.22 -21.35 14.71
N LYS D 185 2.95 -22.23 14.02
CA LYS D 185 4.33 -21.94 13.68
C LYS D 185 4.55 -22.01 12.17
N GLN D 186 5.44 -21.17 11.67
CA GLN D 186 5.85 -21.23 10.27
C GLN D 186 6.99 -22.25 10.12
N LEU D 187 6.82 -23.24 9.25
CA LEU D 187 7.89 -24.21 8.94
C LEU D 187 9.14 -23.52 8.35
N GLN D 188 10.31 -23.77 8.96
CA GLN D 188 11.55 -23.17 8.49
C GLN D 188 12.49 -24.25 7.95
N PRO D 189 13.38 -23.88 7.00
CA PRO D 189 13.46 -22.58 6.32
C PRO D 189 12.31 -22.35 5.35
N VAL D 190 11.80 -21.13 5.29
CA VAL D 190 10.64 -20.87 4.46
C VAL D 190 11.06 -20.39 3.07
N VAL D 191 12.23 -19.78 2.98
CA VAL D 191 12.75 -19.33 1.69
C VAL D 191 13.83 -20.30 1.21
N VAL D 192 13.60 -20.93 0.06
CA VAL D 192 14.48 -22.01 -0.41
C VAL D 192 14.85 -21.94 -1.87
N GLU D 193 15.82 -22.77 -2.26
CA GLU D 193 16.20 -22.89 -3.67
C GLU D 193 15.38 -23.99 -4.32
N LYS D 194 14.18 -23.60 -4.71
CA LYS D 194 13.17 -24.49 -5.28
C LYS D 194 13.68 -25.17 -6.56
N PHE D 195 14.52 -24.48 -7.31
CA PHE D 195 15.07 -25.03 -8.55
C PHE D 195 15.97 -26.26 -8.27
N ARG D 196 16.32 -26.49 -7.01
CA ARG D 196 17.06 -27.71 -6.64
C ARG D 196 16.17 -28.89 -6.31
N TYR D 197 14.86 -28.75 -6.54
CA TYR D 197 13.91 -29.78 -6.18
C TYR D 197 12.89 -30.02 -7.28
N MSE D 198 13.34 -29.90 -8.52
CA MSE D 198 12.51 -30.07 -9.72
C MSE D 198 12.27 -31.50 -10.19
O MSE D 198 11.36 -31.75 -10.97
CB MSE D 198 13.10 -29.25 -10.87
CG MSE D 198 13.22 -27.77 -10.60
SE MSE D 198 11.53 -26.98 -9.91
CE MSE D 198 10.49 -26.92 -11.58
N ASN D 199 13.08 -32.45 -9.72
CA ASN D 199 12.93 -33.84 -10.20
C ASN D 199 12.96 -34.86 -9.06
N LEU D 200 11.81 -35.03 -8.41
CA LEU D 200 11.69 -35.90 -7.24
C LEU D 200 11.13 -37.27 -7.64
N SER E 2 -32.91 17.43 4.86
CA SER E 2 -33.57 17.68 3.58
C SER E 2 -33.10 16.71 2.49
N LEU E 3 -33.71 15.52 2.48
CA LEU E 3 -33.62 14.61 1.37
C LEU E 3 -34.54 15.15 0.28
N LYS E 4 -35.30 16.20 0.62
CA LYS E 4 -36.24 16.81 -0.31
C LYS E 4 -35.62 17.15 -1.66
N GLY E 5 -36.05 16.44 -2.69
CA GLY E 5 -35.65 16.75 -4.06
C GLY E 5 -34.34 16.13 -4.52
N LYS E 6 -33.65 15.44 -3.63
CA LYS E 6 -32.36 14.81 -3.97
C LYS E 6 -32.57 13.51 -4.73
N ARG E 7 -31.68 13.21 -5.66
CA ARG E 7 -31.65 11.91 -6.31
C ARG E 7 -30.64 10.99 -5.59
N ILE E 8 -31.16 9.97 -4.89
CA ILE E 8 -30.30 9.09 -4.11
C ILE E 8 -30.25 7.69 -4.73
N GLY E 9 -29.06 7.28 -5.14
CA GLY E 9 -28.83 5.93 -5.64
C GLY E 9 -28.69 4.93 -4.50
N PHE E 10 -29.23 3.73 -4.66
CA PHE E 10 -29.20 2.73 -3.60
C PHE E 10 -28.77 1.36 -4.11
N GLY E 11 -27.52 1.00 -3.85
CA GLY E 11 -26.97 -0.25 -4.32
C GLY E 11 -26.96 -1.31 -3.25
N PHE E 12 -27.15 -2.56 -3.66
CA PHE E 12 -27.13 -3.71 -2.76
C PHE E 12 -26.07 -4.68 -3.22
N THR E 13 -25.28 -5.19 -2.28
CA THR E 13 -24.32 -6.25 -2.57
C THR E 13 -24.52 -7.46 -1.66
N GLY E 14 -24.18 -8.64 -2.19
CA GLY E 14 -24.15 -9.86 -1.40
C GLY E 14 -25.29 -10.85 -1.62
N SER E 15 -25.59 -11.63 -0.60
CA SER E 15 -26.70 -12.59 -0.63
C SER E 15 -28.06 -11.92 -0.84
N HIS E 16 -28.99 -12.68 -1.43
CA HIS E 16 -30.33 -12.18 -1.74
C HIS E 16 -31.17 -11.88 -0.49
N CYS E 17 -31.25 -12.86 0.41
CA CYS E 17 -32.17 -12.81 1.54
C CYS E 17 -31.81 -11.80 2.64
N THR E 18 -30.58 -11.32 2.60
CA THR E 18 -30.05 -10.47 3.66
C THR E 18 -30.63 -9.06 3.67
N TYR E 19 -31.56 -8.78 2.76
CA TYR E 19 -31.96 -7.40 2.51
C TYR E 19 -33.15 -6.87 3.32
N GLU E 20 -33.77 -7.74 4.11
CA GLU E 20 -34.95 -7.36 4.88
C GLU E 20 -34.71 -6.15 5.80
N GLU E 21 -33.44 -5.81 6.00
CA GLU E 21 -33.05 -4.80 6.98
C GLU E 21 -33.09 -3.37 6.45
N VAL E 22 -32.81 -3.20 5.16
CA VAL E 22 -32.72 -1.88 4.55
C VAL E 22 -34.01 -1.49 3.83
N MSE E 23 -34.85 -2.47 3.56
CA MSE E 23 -36.09 -2.25 2.82
C MSE E 23 -37.00 -1.16 3.40
O MSE E 23 -37.57 -0.36 2.64
CB MSE E 23 -36.83 -3.60 2.64
CG MSE E 23 -36.18 -4.52 1.58
SE MSE E 23 -36.12 -6.46 1.97
CE MSE E 23 -35.44 -7.13 0.26
N PRO E 24 -37.13 -1.08 4.73
CA PRO E 24 -37.89 0.03 5.33
C PRO E 24 -37.12 1.34 5.25
N HIS E 25 -35.82 1.27 5.01
CA HIS E 25 -34.99 2.47 4.85
C HIS E 25 -35.24 3.13 3.50
N LEU E 26 -35.34 2.30 2.47
CA LEU E 26 -35.70 2.77 1.13
C LEU E 26 -36.99 3.55 1.25
N GLU E 27 -37.86 3.08 2.15
CA GLU E 27 -39.16 3.69 2.37
C GLU E 27 -39.02 5.05 3.07
N LYS E 28 -38.18 5.10 4.09
CA LYS E 28 -37.94 6.36 4.82
C LYS E 28 -37.45 7.45 3.87
N LEU E 29 -36.56 7.08 2.96
CA LEU E 29 -35.97 8.01 2.00
C LEU E 29 -37.00 8.62 1.06
N ILE E 30 -37.89 7.78 0.54
CA ILE E 30 -38.92 8.24 -0.37
C ILE E 30 -39.92 9.12 0.37
N ALA E 31 -40.20 8.76 1.61
CA ALA E 31 -41.13 9.52 2.45
C ALA E 31 -40.52 10.86 2.82
N GLU E 32 -39.22 10.99 2.65
CA GLU E 32 -38.54 12.25 2.93
C GLU E 32 -38.45 13.10 1.67
N GLY E 33 -38.89 12.54 0.55
CA GLY E 33 -38.98 13.27 -0.70
C GLY E 33 -37.83 13.05 -1.67
N ALA E 34 -37.14 11.92 -1.54
CA ALA E 34 -36.00 11.65 -2.40
C ALA E 34 -36.37 10.72 -3.54
N GLU E 35 -35.76 10.94 -4.70
CA GLU E 35 -35.91 10.03 -5.81
C GLU E 35 -34.82 8.95 -5.75
N VAL E 36 -35.23 7.70 -5.57
CA VAL E 36 -34.28 6.63 -5.28
C VAL E 36 -34.08 5.68 -6.47
N ARG E 37 -32.85 5.55 -6.92
CA ARG E 37 -32.52 4.63 -8.02
C ARG E 37 -31.86 3.39 -7.47
N PRO E 38 -32.58 2.26 -7.51
CA PRO E 38 -32.01 0.97 -7.11
C PRO E 38 -30.92 0.52 -8.08
N VAL E 39 -29.84 0.00 -7.52
CA VAL E 39 -28.80 -0.67 -8.31
C VAL E 39 -28.52 -2.03 -7.68
N VAL E 40 -28.41 -3.07 -8.51
CA VAL E 40 -28.17 -4.42 -8.00
C VAL E 40 -26.95 -5.07 -8.63
N SER E 41 -26.12 -5.69 -7.78
CA SER E 41 -24.98 -6.44 -8.25
C SER E 41 -25.47 -7.72 -8.95
N TYR E 42 -26.77 -7.95 -8.85
CA TYR E 42 -27.45 -9.01 -9.60
C TYR E 42 -28.70 -8.50 -10.30
N TRP E 57 -38.63 -9.68 -4.45
CA TRP E 57 -37.93 -8.69 -3.63
C TRP E 57 -37.42 -7.54 -4.48
N ILE E 58 -36.75 -7.86 -5.58
CA ILE E 58 -36.29 -6.86 -6.53
C ILE E 58 -37.49 -6.06 -6.99
N LYS E 59 -38.47 -6.77 -7.52
CA LYS E 59 -39.70 -6.18 -8.01
C LYS E 59 -40.30 -5.22 -6.99
N LYS E 60 -40.35 -5.65 -5.73
CA LYS E 60 -40.95 -4.83 -4.69
C LYS E 60 -40.25 -3.48 -4.59
N ILE E 61 -38.92 -3.52 -4.65
CA ILE E 61 -38.12 -2.31 -4.60
C ILE E 61 -38.46 -1.41 -5.78
N GLU E 62 -38.60 -2.01 -6.96
CA GLU E 62 -38.95 -1.26 -8.15
C GLU E 62 -40.36 -0.70 -8.01
N GLU E 63 -41.19 -1.39 -7.24
CA GLU E 63 -42.53 -0.91 -6.94
C GLU E 63 -42.48 0.27 -5.97
N ILE E 64 -41.71 0.11 -4.89
CA ILE E 64 -41.52 1.17 -3.92
C ILE E 64 -40.93 2.41 -4.58
N THR E 65 -40.03 2.18 -5.53
CA THR E 65 -39.15 3.23 -6.00
C THR E 65 -39.62 3.88 -7.31
N GLY E 66 -40.41 3.15 -8.08
CA GLY E 66 -40.90 3.64 -9.35
C GLY E 66 -39.86 3.55 -10.44
N PHE E 67 -38.70 3.01 -10.11
CA PHE E 67 -37.62 2.90 -11.07
C PHE E 67 -37.13 1.48 -11.28
N LYS E 68 -36.73 1.21 -12.52
CA LYS E 68 -36.09 -0.03 -12.89
C LYS E 68 -34.80 -0.16 -12.11
N ALA E 69 -34.43 -1.39 -11.75
CA ALA E 69 -33.13 -1.60 -11.14
C ALA E 69 -32.08 -1.58 -12.24
N ILE E 70 -31.09 -0.72 -12.07
CA ILE E 70 -29.90 -0.82 -12.89
C ILE E 70 -29.26 -2.15 -12.53
N ASN E 71 -29.03 -2.99 -13.53
CA ASN E 71 -28.64 -4.37 -13.29
C ASN E 71 -27.47 -4.78 -14.15
N SER E 72 -26.83 -3.80 -14.77
CA SER E 72 -25.71 -4.05 -15.66
C SER E 72 -24.74 -2.89 -15.55
N ILE E 73 -23.47 -3.15 -15.89
CA ILE E 73 -22.45 -2.13 -15.80
C ILE E 73 -22.73 -0.99 -16.76
N VAL E 74 -23.12 -1.32 -17.98
CA VAL E 74 -23.46 -0.31 -18.97
C VAL E 74 -24.65 0.54 -18.51
N GLY E 75 -25.56 -0.07 -17.77
CA GLY E 75 -26.70 0.66 -17.23
C GLY E 75 -26.28 1.62 -16.14
N ALA E 76 -25.11 1.38 -15.57
CA ALA E 76 -24.63 2.17 -14.45
C ALA E 76 -23.81 3.38 -14.90
N GLU E 77 -23.22 3.30 -16.08
CA GLU E 77 -22.38 4.39 -16.59
C GLU E 77 -23.10 5.74 -16.75
N PRO E 78 -24.39 5.73 -17.14
CA PRO E 78 -25.11 6.99 -17.31
C PRO E 78 -25.28 7.78 -16.02
N LEU E 79 -25.15 7.12 -14.87
CA LEU E 79 -25.19 7.77 -13.57
C LEU E 79 -24.11 8.86 -13.47
N GLY E 80 -23.12 8.79 -14.35
CA GLY E 80 -22.11 9.83 -14.44
C GLY E 80 -22.56 11.09 -15.19
N PRO E 81 -22.57 11.04 -16.54
CA PRO E 81 -22.93 12.22 -17.35
C PRO E 81 -24.41 12.58 -17.48
N LYS E 82 -25.32 11.60 -17.43
CA LYS E 82 -26.73 11.92 -17.72
C LYS E 82 -27.66 12.05 -16.52
N ILE E 83 -27.60 11.08 -15.61
CA ILE E 83 -28.47 11.11 -14.44
C ILE E 83 -27.68 11.19 -13.13
N PRO E 84 -26.93 12.29 -12.95
CA PRO E 84 -26.07 12.36 -11.76
C PRO E 84 -26.82 12.13 -10.46
N LEU E 85 -26.27 11.30 -9.60
CA LEU E 85 -26.82 11.16 -8.26
C LEU E 85 -26.32 12.30 -7.41
N ASP E 86 -27.10 12.66 -6.39
CA ASP E 86 -26.65 13.57 -5.36
C ASP E 86 -25.95 12.75 -4.25
N CYS E 87 -26.34 11.50 -4.14
CA CYS E 87 -25.70 10.60 -3.20
C CYS E 87 -25.86 9.16 -3.68
N MSE E 88 -24.80 8.38 -3.56
CA MSE E 88 -24.87 6.95 -3.83
C MSE E 88 -24.75 6.24 -2.50
O MSE E 88 -23.80 6.50 -1.76
CB MSE E 88 -23.74 6.51 -4.78
CG MSE E 88 -23.69 5.02 -5.02
SE MSE E 88 -25.23 4.29 -6.01
CE MSE E 88 -24.91 2.35 -5.76
N VAL E 89 -25.70 5.38 -2.19
CA VAL E 89 -25.66 4.59 -0.97
C VAL E 89 -25.40 3.13 -1.34
N ILE E 90 -24.55 2.46 -0.58
CA ILE E 90 -24.35 1.02 -0.75
C ILE E 90 -24.59 0.33 0.60
N ALA E 91 -25.60 -0.52 0.66
CA ALA E 91 -26.01 -1.13 1.91
C ALA E 91 -26.90 -2.34 1.65
N PRO E 92 -26.43 -3.53 2.03
CA PRO E 92 -25.13 -3.67 2.71
C PRO E 92 -23.95 -3.68 1.75
N LEU E 93 -22.77 -3.40 2.30
CA LEU E 93 -21.50 -3.41 1.57
C LEU E 93 -20.73 -4.63 2.07
N THR E 94 -20.56 -5.63 1.23
CA THR E 94 -19.80 -6.84 1.61
C THR E 94 -18.32 -6.59 1.60
N GLY E 95 -17.56 -7.50 2.22
CA GLY E 95 -16.11 -7.38 2.29
C GLY E 95 -15.50 -7.37 0.91
N ASN E 96 -16.05 -8.19 0.03
CA ASN E 96 -15.56 -8.30 -1.34
C ASN E 96 -15.76 -6.99 -2.10
N SER E 97 -16.96 -6.45 -2.04
CA SER E 97 -17.26 -5.19 -2.69
C SER E 97 -16.43 -4.02 -2.12
N MSE E 98 -16.25 -3.97 -0.81
CA MSE E 98 -15.47 -2.91 -0.17
C MSE E 98 -14.03 -2.90 -0.64
O MSE E 98 -13.43 -1.83 -0.85
CB MSE E 98 -15.48 -3.08 1.36
CG MSE E 98 -14.70 -2.00 2.07
SE MSE E 98 -14.98 -1.94 4.02
CE MSE E 98 -14.01 -3.60 4.42
N SER E 99 -13.46 -4.10 -0.78
CA SER E 99 -12.10 -4.24 -1.27
C SER E 99 -12.01 -3.78 -2.72
N LYS E 100 -12.95 -4.24 -3.54
CA LYS E 100 -13.00 -3.84 -4.94
C LYS E 100 -13.16 -2.32 -5.05
N PHE E 101 -14.06 -1.77 -4.24
CA PHE E 101 -14.31 -0.34 -4.27
C PHE E 101 -13.06 0.43 -3.90
N ALA E 102 -12.40 0.00 -2.83
CA ALA E 102 -11.19 0.69 -2.35
C ALA E 102 -10.06 0.64 -3.38
N ASN E 103 -10.07 -0.40 -4.22
CA ASN E 103 -9.04 -0.59 -5.23
C ASN E 103 -9.44 -0.05 -6.59
N ALA E 104 -10.63 0.54 -6.65
CA ALA E 104 -11.06 1.22 -7.88
C ALA E 104 -11.37 0.23 -8.99
N MSE E 105 -12.01 -0.88 -8.62
CA MSE E 105 -12.51 -1.83 -9.59
C MSE E 105 -14.00 -1.58 -9.83
O MSE E 105 -14.70 -1.10 -8.95
CB MSE E 105 -12.28 -3.24 -9.09
CG MSE E 105 -10.81 -3.53 -8.86
SE MSE E 105 -10.48 -5.38 -8.31
CE MSE E 105 -11.65 -6.27 -9.60
N THR E 106 -14.49 -1.92 -11.03
CA THR E 106 -15.87 -1.61 -11.36
C THR E 106 -16.55 -2.79 -12.06
N ASP E 107 -16.28 -4.00 -11.60
CA ASP E 107 -16.84 -5.19 -12.24
C ASP E 107 -18.24 -5.58 -11.74
N SER E 108 -19.02 -4.59 -11.32
CA SER E 108 -20.45 -4.78 -11.04
C SER E 108 -21.23 -3.46 -11.16
N PRO E 109 -22.54 -3.54 -11.42
CA PRO E 109 -23.36 -2.34 -11.54
C PRO E 109 -23.20 -1.35 -10.36
N VAL E 110 -23.07 -1.90 -9.15
CA VAL E 110 -22.97 -1.09 -7.94
C VAL E 110 -21.63 -0.36 -7.83
N LEU E 111 -20.54 -1.07 -8.05
CA LEU E 111 -19.23 -0.45 -8.05
C LEU E 111 -19.15 0.61 -9.14
N MSE E 112 -19.69 0.32 -10.31
CA MSE E 112 -19.69 1.31 -11.38
C MSE E 112 -20.51 2.52 -11.00
O MSE E 112 -20.10 3.66 -11.26
CB MSE E 112 -20.19 0.71 -12.70
CG MSE E 112 -20.27 1.73 -13.84
SE MSE E 112 -18.55 2.46 -14.43
CE MSE E 112 -17.81 0.90 -15.34
N ALA E 113 -21.66 2.31 -10.38
CA ALA E 113 -22.48 3.43 -9.92
C ALA E 113 -21.71 4.30 -8.96
N ALA E 114 -20.98 3.68 -8.03
CA ALA E 114 -20.16 4.43 -7.08
C ALA E 114 -19.08 5.27 -7.80
N LYS E 115 -18.38 4.67 -8.73
CA LYS E 115 -17.37 5.38 -9.50
C LYS E 115 -17.99 6.58 -10.25
N ALA E 116 -19.13 6.34 -10.88
CA ALA E 116 -19.79 7.39 -11.66
C ALA E 116 -20.24 8.55 -10.75
N THR E 117 -20.36 8.27 -9.46
CA THR E 117 -20.76 9.27 -8.50
C THR E 117 -19.56 10.07 -8.01
N LEU E 118 -18.48 9.39 -7.69
CA LEU E 118 -17.23 10.07 -7.32
C LEU E 118 -16.64 10.81 -8.53
N ARG E 119 -17.03 10.39 -9.72
CA ARG E 119 -16.66 11.06 -10.95
C ARG E 119 -16.98 12.54 -10.86
N ASN E 120 -18.17 12.84 -10.31
CA ASN E 120 -18.71 14.19 -10.21
C ASN E 120 -18.45 14.88 -8.89
N GLY E 121 -17.64 14.27 -8.04
CA GLY E 121 -17.35 14.83 -6.73
C GLY E 121 -18.50 14.71 -5.73
N LYS E 122 -19.37 13.72 -5.94
CA LYS E 122 -20.54 13.54 -5.07
C LYS E 122 -20.39 12.41 -4.07
N PRO E 123 -21.13 12.47 -2.95
CA PRO E 123 -20.93 11.55 -1.83
C PRO E 123 -21.39 10.09 -2.06
N VAL E 124 -20.56 9.17 -1.56
CA VAL E 124 -20.90 7.76 -1.50
C VAL E 124 -20.99 7.41 -0.02
N VAL E 125 -22.06 6.74 0.36
CA VAL E 125 -22.26 6.40 1.76
C VAL E 125 -22.21 4.90 1.85
N LEU E 126 -21.41 4.40 2.79
CA LEU E 126 -21.15 2.97 2.88
C LEU E 126 -21.65 2.38 4.20
N ALA E 127 -22.36 1.25 4.11
CA ALA E 127 -22.78 0.52 5.32
C ALA E 127 -22.01 -0.81 5.43
N VAL E 128 -20.90 -0.78 6.17
CA VAL E 128 -19.96 -1.88 6.14
C VAL E 128 -20.52 -3.15 6.81
N SER E 129 -20.16 -4.30 6.27
CA SER E 129 -20.59 -5.57 6.85
C SER E 129 -19.67 -6.71 6.47
N THR E 130 -18.64 -6.97 7.26
CA THR E 130 -17.74 -8.05 6.91
C THR E 130 -16.99 -8.63 8.11
N ASN E 131 -16.76 -9.94 8.11
CA ASN E 131 -16.12 -10.61 9.24
C ASN E 131 -14.60 -10.53 9.27
N ASP E 132 -14.02 -9.87 8.27
CA ASP E 132 -12.57 -9.65 8.21
C ASP E 132 -12.22 -8.15 8.28
N ALA E 133 -13.13 -7.33 8.80
CA ALA E 133 -12.93 -5.88 8.82
C ALA E 133 -11.73 -5.45 9.67
N LEU E 134 -11.41 -6.24 10.69
CA LEU E 134 -10.26 -5.95 11.52
C LEU E 134 -9.15 -6.92 11.12
N GLY E 135 -9.41 -7.68 10.07
CA GLY E 135 -8.40 -8.50 9.45
C GLY E 135 -7.79 -7.86 8.21
N LEU E 136 -7.77 -8.62 7.12
CA LEU E 136 -7.12 -8.19 5.90
C LEU E 136 -7.86 -7.02 5.24
N ASN E 137 -9.15 -6.88 5.52
CA ASN E 137 -9.93 -5.81 4.90
C ASN E 137 -9.75 -4.48 5.61
N GLY E 138 -9.02 -4.50 6.71
CA GLY E 138 -8.87 -3.35 7.56
C GLY E 138 -8.22 -2.19 6.82
N VAL E 139 -7.18 -2.50 6.04
CA VAL E 139 -6.51 -1.46 5.28
C VAL E 139 -7.44 -0.84 4.25
N ASN E 140 -8.32 -1.66 3.66
CA ASN E 140 -9.23 -1.18 2.64
C ASN E 140 -10.26 -0.23 3.21
N LEU E 141 -10.75 -0.58 4.39
CA LEU E 141 -11.79 0.19 5.06
C LEU E 141 -11.21 1.56 5.40
N MSE E 142 -9.97 1.57 5.87
CA MSE E 142 -9.33 2.83 6.25
C MSE E 142 -8.92 3.67 5.04
O MSE E 142 -8.86 4.88 5.14
CB MSE E 142 -8.16 2.60 7.20
CG MSE E 142 -8.59 2.17 8.61
SE MSE E 142 -9.77 3.46 9.53
CE MSE E 142 -9.74 2.67 11.33
N ARG E 143 -8.62 3.03 3.90
CA ARG E 143 -8.30 3.80 2.70
C ARG E 143 -9.53 4.65 2.36
N LEU E 144 -10.69 4.00 2.29
CA LEU E 144 -11.97 4.65 2.04
C LEU E 144 -12.29 5.76 3.04
N MSE E 145 -12.26 5.44 4.33
CA MSE E 145 -12.49 6.44 5.38
C MSE E 145 -11.77 7.77 5.12
O MSE E 145 -12.26 8.84 5.49
CB MSE E 145 -12.03 5.89 6.73
CG MSE E 145 -13.13 5.24 7.56
SE MSE E 145 -14.27 6.57 8.46
CE MSE E 145 -12.88 7.77 9.08
N ALA E 146 -10.60 7.69 4.51
CA ALA E 146 -9.77 8.88 4.37
C ALA E 146 -9.92 9.54 3.00
N THR E 147 -10.66 8.90 2.11
CA THR E 147 -10.80 9.35 0.73
C THR E 147 -11.90 10.41 0.52
N LYS E 148 -11.64 11.36 -0.36
CA LYS E 148 -12.62 12.40 -0.69
C LYS E 148 -14.00 11.82 -1.04
N ASN E 149 -15.04 12.36 -0.43
CA ASN E 149 -16.44 12.12 -0.79
C ASN E 149 -17.01 10.75 -0.39
N ILE E 150 -16.35 10.09 0.56
CA ILE E 150 -16.79 8.78 1.04
C ILE E 150 -17.09 8.86 2.54
N TYR E 151 -18.26 8.36 2.90
CA TYR E 151 -18.76 8.47 4.26
C TYR E 151 -19.29 7.12 4.69
N PHE E 152 -19.24 6.87 5.99
CA PHE E 152 -19.64 5.59 6.54
C PHE E 152 -20.80 5.75 7.49
N VAL E 153 -21.80 4.89 7.37
CA VAL E 153 -22.75 4.84 8.45
C VAL E 153 -22.01 4.21 9.64
N PRO E 154 -22.13 4.82 10.82
CA PRO E 154 -21.38 4.34 11.99
C PRO E 154 -21.44 2.82 12.17
N PHE E 155 -20.32 2.27 12.63
CA PHE E 155 -20.15 0.82 12.63
C PHE E 155 -19.25 0.39 13.77
N GLY E 156 -19.22 -0.92 14.03
CA GLY E 156 -18.36 -1.48 15.06
C GLY E 156 -18.41 -3.00 15.07
N GLN E 157 -17.78 -3.60 16.07
CA GLN E 157 -17.83 -5.06 16.22
C GLN E 157 -19.25 -5.50 16.61
N ASP E 158 -19.85 -6.40 15.84
CA ASP E 158 -21.19 -6.89 16.16
C ASP E 158 -21.14 -8.07 17.13
N ALA E 159 -19.99 -8.73 17.21
CA ALA E 159 -19.85 -9.98 17.96
C ALA E 159 -18.38 -10.23 18.32
N PRO E 160 -17.87 -9.48 19.30
CA PRO E 160 -16.46 -9.46 19.67
C PRO E 160 -15.88 -10.83 20.04
N GLU E 161 -16.70 -11.76 20.55
CA GLU E 161 -16.22 -13.09 20.89
C GLU E 161 -16.44 -14.12 19.78
N LYS E 162 -17.65 -14.15 19.22
CA LYS E 162 -17.98 -15.08 18.15
C LYS E 162 -17.24 -14.80 16.83
N LYS E 163 -17.12 -13.53 16.47
CA LYS E 163 -16.47 -13.12 15.23
C LYS E 163 -15.54 -11.94 15.50
N PRO E 164 -14.35 -12.22 16.05
CA PRO E 164 -13.55 -11.09 16.55
C PRO E 164 -13.19 -10.04 15.48
N ASN E 165 -13.03 -10.40 14.20
CA ASN E 165 -12.56 -9.42 13.23
C ASN E 165 -13.71 -8.75 12.53
N SER E 166 -14.92 -9.05 12.99
CA SER E 166 -16.12 -8.60 12.30
C SER E 166 -16.53 -7.17 12.66
N MSE E 167 -16.89 -6.38 11.64
CA MSE E 167 -17.53 -5.07 11.87
C MSE E 167 -18.70 -4.85 10.92
O MSE E 167 -18.64 -5.21 9.73
CB MSE E 167 -16.54 -3.91 11.84
CG MSE E 167 -15.61 -3.91 13.04
SE MSE E 167 -14.55 -2.29 13.35
CE MSE E 167 -13.78 -2.00 11.56
N VAL E 168 -19.75 -4.27 11.47
CA VAL E 168 -21.03 -4.12 10.79
C VAL E 168 -21.63 -2.76 11.15
N ALA E 169 -22.26 -2.10 10.18
CA ALA E 169 -22.86 -0.80 10.43
C ALA E 169 -24.15 -0.90 11.24
N ARG E 170 -24.50 0.22 11.87
CA ARG E 170 -25.82 0.39 12.47
C ARG E 170 -26.78 0.94 11.43
N MSE E 171 -27.43 0.05 10.70
CA MSE E 171 -28.37 0.43 9.65
C MSE E 171 -29.36 1.53 10.05
O MSE E 171 -29.69 2.39 9.24
CB MSE E 171 -29.14 -0.79 9.15
CG MSE E 171 -28.37 -1.63 8.18
SE MSE E 171 -27.89 -0.64 6.54
CE MSE E 171 -27.05 -2.15 5.60
N GLU E 172 -29.84 1.47 11.28
CA GLU E 172 -30.80 2.46 11.75
C GLU E 172 -30.26 3.88 11.67
N LEU E 173 -28.95 4.01 11.42
CA LEU E 173 -28.37 5.34 11.28
C LEU E 173 -28.12 5.76 9.83
N LEU E 174 -28.55 4.94 8.88
CA LEU E 174 -28.37 5.21 7.45
C LEU E 174 -28.84 6.63 7.03
N GLU E 175 -30.10 6.95 7.30
CA GLU E 175 -30.68 8.23 6.92
C GLU E 175 -29.90 9.42 7.49
N ASP E 176 -29.61 9.39 8.77
CA ASP E 176 -28.77 10.41 9.36
C ASP E 176 -27.44 10.51 8.62
N THR E 177 -26.82 9.38 8.30
CA THR E 177 -25.57 9.39 7.57
C THR E 177 -25.75 10.08 6.22
N VAL E 178 -26.77 9.70 5.48
CA VAL E 178 -27.00 10.31 4.18
C VAL E 178 -27.22 11.82 4.28
N LEU E 179 -27.89 12.25 5.35
CA LEU E 179 -28.17 13.66 5.57
C LEU E 179 -26.88 14.47 5.75
N GLU E 180 -26.02 13.98 6.64
CA GLU E 180 -24.72 14.62 6.87
C GLU E 180 -23.81 14.60 5.62
N ALA E 181 -23.84 13.50 4.87
CA ALA E 181 -22.96 13.37 3.70
C ALA E 181 -23.31 14.42 2.63
N LEU E 182 -24.61 14.65 2.44
CA LEU E 182 -25.10 15.69 1.55
C LEU E 182 -24.53 17.06 1.89
N GLN E 183 -24.24 17.28 3.15
CA GLN E 183 -23.62 18.52 3.60
C GLN E 183 -22.09 18.43 3.56
N GLY E 184 -21.56 17.32 3.06
CA GLY E 184 -20.13 17.11 3.06
C GLY E 184 -19.56 16.77 4.43
N LYS E 185 -20.41 16.21 5.29
CA LYS E 185 -20.01 15.85 6.65
C LYS E 185 -20.09 14.34 6.93
N GLN E 186 -19.19 13.86 7.79
CA GLN E 186 -19.30 12.52 8.34
C GLN E 186 -20.07 12.55 9.65
N LEU E 187 -21.16 11.80 9.73
CA LEU E 187 -21.90 11.64 11.00
C LEU E 187 -20.96 11.10 12.08
N GLN E 188 -21.03 11.68 13.28
CA GLN E 188 -20.25 11.23 14.44
C GLN E 188 -21.19 10.84 15.55
N PRO E 189 -20.80 9.90 16.41
CA PRO E 189 -19.55 9.11 16.31
C PRO E 189 -19.65 8.04 15.23
N VAL E 190 -18.56 7.80 14.50
CA VAL E 190 -18.59 6.86 13.40
C VAL E 190 -18.09 5.48 13.89
N VAL E 191 -17.36 5.47 14.99
CA VAL E 191 -16.92 4.24 15.61
C VAL E 191 -17.74 3.95 16.88
N VAL E 192 -18.58 2.93 16.83
CA VAL E 192 -19.46 2.65 17.95
C VAL E 192 -19.42 1.17 18.38
N GLU E 193 -20.02 0.89 19.51
CA GLU E 193 -20.12 -0.47 19.99
C GLU E 193 -21.36 -1.12 19.40
N LYS E 194 -21.23 -1.49 18.13
CA LYS E 194 -22.28 -2.23 17.43
C LYS E 194 -22.87 -3.37 18.28
N PHE E 195 -22.05 -4.02 19.10
CA PHE E 195 -22.51 -5.18 19.85
C PHE E 195 -23.59 -4.86 20.89
N ARG E 196 -23.65 -3.60 21.31
CA ARG E 196 -24.68 -3.17 22.27
C ARG E 196 -26.02 -2.85 21.59
N TYR E 197 -26.06 -2.88 20.26
CA TYR E 197 -27.31 -2.61 19.55
C TYR E 197 -27.68 -3.78 18.67
N MSE E 198 -27.08 -4.94 18.96
CA MSE E 198 -27.28 -6.12 18.12
C MSE E 198 -28.58 -6.79 18.51
O MSE E 198 -29.48 -6.15 19.05
CB MSE E 198 -26.08 -7.06 18.26
CG MSE E 198 -25.95 -8.13 17.18
SE MSE E 198 -24.95 -9.73 17.78
CE MSE E 198 -26.08 -10.29 19.28
N SER F 2 -0.96 -14.03 34.54
CA SER F 2 0.33 -14.13 35.22
C SER F 2 1.45 -13.38 34.51
N LEU F 3 1.70 -12.16 34.98
CA LEU F 3 2.88 -11.42 34.57
C LEU F 3 4.06 -11.86 35.43
N LYS F 4 3.80 -12.80 36.34
CA LYS F 4 4.83 -13.32 37.24
C LYS F 4 5.93 -14.05 36.47
N GLY F 5 7.16 -13.59 36.60
CA GLY F 5 8.28 -14.21 35.91
C GLY F 5 8.46 -13.79 34.45
N LYS F 6 7.62 -12.87 33.97
CA LYS F 6 7.70 -12.38 32.59
C LYS F 6 8.50 -11.09 32.52
N ARG F 7 9.44 -11.03 31.59
CA ARG F 7 10.17 -9.79 31.32
C ARG F 7 9.38 -8.93 30.35
N ILE F 8 8.94 -7.76 30.79
CA ILE F 8 8.17 -6.91 29.89
C ILE F 8 8.74 -5.51 29.67
N GLY F 9 9.05 -5.21 28.41
CA GLY F 9 9.55 -3.92 28.00
C GLY F 9 8.42 -2.94 27.98
N PHE F 10 8.72 -1.68 28.29
CA PHE F 10 7.69 -0.65 28.36
C PHE F 10 8.30 0.61 27.76
N GLY F 11 7.83 0.97 26.57
CA GLY F 11 8.37 2.10 25.84
C GLY F 11 7.43 3.29 25.87
N PHE F 12 8.01 4.49 25.87
CA PHE F 12 7.24 5.74 25.91
C PHE F 12 7.64 6.61 24.73
N THR F 13 6.65 7.06 23.97
CA THR F 13 6.88 7.98 22.86
C THR F 13 6.06 9.26 23.05
N GLY F 14 6.49 10.33 22.39
CA GLY F 14 5.77 11.59 22.46
C GLY F 14 6.22 12.52 23.57
N SER F 15 5.44 13.57 23.82
CA SER F 15 5.76 14.56 24.85
C SER F 15 6.22 13.93 26.18
N HIS F 16 6.88 14.73 27.02
CA HIS F 16 7.39 14.25 28.30
C HIS F 16 6.31 14.22 29.39
N CYS F 17 5.50 15.27 29.47
CA CYS F 17 4.49 15.40 30.52
C CYS F 17 3.34 14.41 30.34
N THR F 18 3.43 13.57 29.30
CA THR F 18 2.34 12.70 28.90
C THR F 18 2.20 11.47 29.79
N TYR F 19 2.94 11.43 30.89
CA TYR F 19 3.05 10.21 31.68
C TYR F 19 2.61 10.34 33.13
N GLU F 20 1.60 11.17 33.35
CA GLU F 20 0.88 11.18 34.61
C GLU F 20 -0.12 10.03 34.58
N GLU F 21 -0.19 9.38 33.42
CA GLU F 21 -1.18 8.34 33.17
C GLU F 21 -0.63 6.95 33.44
N VAL F 22 0.57 6.69 32.91
CA VAL F 22 1.12 5.34 32.91
C VAL F 22 2.00 5.00 34.10
N MSE F 23 2.12 5.93 35.05
CA MSE F 23 2.88 5.67 36.27
C MSE F 23 2.32 4.50 37.07
O MSE F 23 3.06 3.60 37.46
CB MSE F 23 2.94 6.92 37.14
CG MSE F 23 3.91 7.97 36.62
SE MSE F 23 5.71 7.24 36.48
CE MSE F 23 6.34 8.27 34.94
N PRO F 24 1.00 4.50 37.31
CA PRO F 24 0.40 3.39 38.04
C PRO F 24 0.57 2.08 37.29
N HIS F 25 0.80 2.16 35.99
CA HIS F 25 0.90 0.95 35.18
C HIS F 25 2.22 0.21 35.39
N LEU F 26 3.32 0.95 35.45
CA LEU F 26 4.58 0.34 35.87
C LEU F 26 4.34 -0.31 37.21
N GLU F 27 3.71 0.44 38.10
CA GLU F 27 3.40 -0.02 39.45
C GLU F 27 2.61 -1.34 39.43
N LYS F 28 1.48 -1.36 38.73
CA LYS F 28 0.63 -2.55 38.69
C LYS F 28 1.39 -3.74 38.12
N LEU F 29 2.09 -3.53 37.01
CA LEU F 29 2.85 -4.59 36.37
C LEU F 29 3.90 -5.18 37.32
N ILE F 30 4.62 -4.31 38.02
CA ILE F 30 5.66 -4.75 38.94
C ILE F 30 5.04 -5.51 40.11
N ALA F 31 4.06 -4.89 40.73
CA ALA F 31 3.31 -5.52 41.80
C ALA F 31 2.83 -6.90 41.38
N GLU F 32 2.60 -7.09 40.08
CA GLU F 32 2.08 -8.36 39.58
C GLU F 32 3.20 -9.39 39.39
N GLY F 33 4.42 -9.00 39.72
CA GLY F 33 5.54 -9.92 39.70
C GLY F 33 6.33 -9.98 38.41
N ALA F 34 6.30 -8.90 37.65
CA ALA F 34 7.00 -8.87 36.37
C ALA F 34 8.23 -7.99 36.45
N GLU F 35 9.24 -8.32 35.65
CA GLU F 35 10.41 -7.48 35.48
C GLU F 35 10.15 -6.50 34.33
N VAL F 36 10.11 -5.21 34.64
CA VAL F 36 9.81 -4.20 33.64
C VAL F 36 11.06 -3.47 33.18
N ARG F 37 11.33 -3.52 31.89
CA ARG F 37 12.46 -2.81 31.29
C ARG F 37 11.95 -1.57 30.57
N PRO F 38 12.29 -0.38 31.09
CA PRO F 38 11.82 0.84 30.45
C PRO F 38 12.68 1.24 29.25
N VAL F 39 12.04 1.75 28.22
CA VAL F 39 12.77 2.37 27.12
C VAL F 39 12.13 3.69 26.72
N VAL F 40 12.97 4.70 26.54
CA VAL F 40 12.52 6.06 26.35
C VAL F 40 12.99 6.61 25.00
N SER F 41 12.07 7.23 24.27
CA SER F 41 12.35 7.69 22.91
C SER F 41 13.34 8.86 22.88
N TYR F 42 13.67 9.41 24.04
CA TYR F 42 14.73 10.42 24.14
C TYR F 42 15.74 10.08 25.25
N THR F 43 17.02 10.08 24.91
CA THR F 43 18.09 9.70 25.84
C THR F 43 18.11 10.52 27.13
N ALA F 55 12.86 17.85 36.33
CA ALA F 55 11.85 17.21 35.48
C ALA F 55 12.15 15.72 35.34
N GLU F 56 12.76 15.14 36.37
CA GLU F 56 13.17 13.74 36.33
C GLU F 56 12.06 12.79 36.77
N TRP F 57 10.91 12.90 36.11
CA TRP F 57 9.82 11.94 36.27
C TRP F 57 10.35 10.59 35.81
N ILE F 58 11.47 10.65 35.09
CA ILE F 58 12.10 9.47 34.51
C ILE F 58 13.02 8.78 35.51
N LYS F 59 13.66 9.57 36.36
CA LYS F 59 14.50 9.03 37.41
C LYS F 59 13.65 8.13 38.30
N LYS F 60 12.36 8.42 38.41
CA LYS F 60 11.47 7.62 39.24
C LYS F 60 11.10 6.31 38.55
N ILE F 61 10.93 6.37 37.23
CA ILE F 61 10.69 5.16 36.46
C ILE F 61 11.81 4.16 36.67
N GLU F 62 13.05 4.63 36.48
CA GLU F 62 14.22 3.82 36.73
C GLU F 62 14.31 3.45 38.19
N GLU F 63 13.52 4.14 39.01
CA GLU F 63 13.46 3.86 40.44
C GLU F 63 12.42 2.80 40.73
N ILE F 64 11.18 3.07 40.32
CA ILE F 64 10.09 2.11 40.47
C ILE F 64 10.56 0.72 40.09
N THR F 65 11.20 0.61 38.93
CA THR F 65 11.88 -0.63 38.57
C THR F 65 13.36 -0.49 38.78
N GLY F 66 14.07 -1.60 38.80
CA GLY F 66 15.49 -1.60 39.10
C GLY F 66 16.36 -1.63 37.86
N PHE F 67 15.93 -0.88 36.83
CA PHE F 67 16.69 -0.85 35.58
C PHE F 67 16.84 0.56 35.03
N LYS F 68 18.02 0.82 34.48
CA LYS F 68 18.28 2.04 33.76
C LYS F 68 17.47 1.99 32.47
N ALA F 69 16.83 3.10 32.12
CA ALA F 69 16.01 3.15 30.92
C ALA F 69 16.87 3.16 29.65
N ILE F 70 16.65 2.17 28.79
CA ILE F 70 17.30 2.12 27.48
C ILE F 70 16.90 3.35 26.69
N ASN F 71 17.91 4.11 26.24
CA ASN F 71 17.66 5.44 25.67
C ASN F 71 18.40 5.63 24.35
N SER F 72 19.00 4.57 23.86
CA SER F 72 19.68 4.61 22.57
C SER F 72 19.26 3.41 21.73
N ILE F 73 19.35 3.59 20.42
CA ILE F 73 19.09 2.49 19.50
C ILE F 73 19.98 1.29 19.84
N VAL F 74 21.24 1.57 20.18
CA VAL F 74 22.20 0.51 20.51
C VAL F 74 21.88 -0.19 21.84
N GLY F 75 21.43 0.59 22.81
CA GLY F 75 21.01 0.01 24.07
C GLY F 75 19.79 -0.88 23.87
N ALA F 76 19.10 -0.69 22.75
CA ALA F 76 17.88 -1.43 22.46
C ALA F 76 18.13 -2.72 21.70
N GLU F 77 19.18 -2.75 20.88
CA GLU F 77 19.46 -3.94 20.08
C GLU F 77 19.54 -5.24 20.90
N PRO F 78 20.23 -5.21 22.05
CA PRO F 78 20.36 -6.44 22.85
C PRO F 78 19.02 -7.06 23.25
N LEU F 79 17.93 -6.31 23.16
CA LEU F 79 16.59 -6.83 23.47
C LEU F 79 16.26 -7.96 22.52
N GLY F 80 17.04 -8.07 21.44
CA GLY F 80 16.89 -9.15 20.48
C GLY F 80 17.55 -10.48 20.87
N PRO F 81 18.89 -10.52 20.88
CA PRO F 81 19.61 -11.76 21.20
C PRO F 81 20.00 -12.00 22.67
N LYS F 82 20.16 -10.96 23.49
CA LYS F 82 20.69 -11.13 24.84
C LYS F 82 19.62 -11.10 25.95
N ILE F 83 18.79 -10.07 25.96
CA ILE F 83 17.73 -9.99 26.95
C ILE F 83 16.35 -9.92 26.31
N PRO F 84 15.90 -11.03 25.73
CA PRO F 84 14.62 -11.05 25.03
C PRO F 84 13.45 -10.76 25.97
N LEU F 85 12.45 -10.06 25.46
CA LEU F 85 11.25 -9.75 26.24
C LEU F 85 10.23 -10.84 26.02
N ASP F 86 9.31 -11.00 26.95
CA ASP F 86 8.15 -11.83 26.72
C ASP F 86 7.09 -10.95 26.08
N CYS F 87 7.18 -9.66 26.34
CA CYS F 87 6.26 -8.71 25.75
C CYS F 87 6.89 -7.32 25.72
N MSE F 88 6.59 -6.58 24.67
CA MSE F 88 6.99 -5.19 24.55
C MSE F 88 5.72 -4.33 24.53
O MSE F 88 4.86 -4.52 23.67
CB MSE F 88 7.78 -4.97 23.26
CG MSE F 88 8.08 -3.52 22.95
SE MSE F 88 9.34 -2.74 24.22
CE MSE F 88 9.04 -0.83 23.87
N VAL F 89 5.60 -3.41 25.48
CA VAL F 89 4.48 -2.48 25.50
C VAL F 89 4.95 -1.13 25.02
N ILE F 90 4.13 -0.45 24.23
CA ILE F 90 4.35 0.95 23.88
C ILE F 90 3.11 1.76 24.28
N ALA F 91 3.24 2.55 25.35
CA ALA F 91 2.13 3.34 25.84
C ALA F 91 2.61 4.64 26.46
N PRO F 92 2.16 5.78 25.90
CA PRO F 92 1.32 5.79 24.70
C PRO F 92 2.15 5.65 23.41
N LEU F 93 1.43 5.35 22.33
CA LEU F 93 2.00 5.22 21.00
C LEU F 93 1.48 6.42 20.21
N THR F 94 2.34 7.38 19.90
CA THR F 94 1.91 8.55 19.12
C THR F 94 1.64 8.17 17.68
N GLY F 95 0.99 9.06 16.93
CA GLY F 95 0.73 8.80 15.53
C GLY F 95 2.01 8.69 14.71
N ASN F 96 3.02 9.48 15.07
CA ASN F 96 4.30 9.41 14.39
C ASN F 96 4.97 8.05 14.61
N SER F 97 4.97 7.57 15.84
CA SER F 97 5.65 6.32 16.13
C SER F 97 4.84 5.17 15.52
N MSE F 98 3.54 5.34 15.44
CA MSE F 98 2.69 4.29 14.93
C MSE F 98 2.94 4.09 13.44
O MSE F 98 2.99 2.95 12.94
CB MSE F 98 1.22 4.59 15.18
CG MSE F 98 0.33 3.51 14.63
SE MSE F 98 -1.53 3.66 15.16
CE MSE F 98 -2.01 5.35 14.25
N SER F 99 3.10 5.19 12.73
CA SER F 99 3.38 5.16 11.29
C SER F 99 4.75 4.58 11.04
N LYS F 100 5.72 5.01 11.83
CA LYS F 100 7.08 4.50 11.67
C LYS F 100 7.13 3.01 11.97
N PHE F 101 6.42 2.57 13.01
CA PHE F 101 6.40 1.15 13.36
C PHE F 101 5.74 0.32 12.26
N ALA F 102 4.63 0.83 11.71
CA ALA F 102 3.93 0.12 10.65
C ALA F 102 4.80 -0.02 9.41
N ASN F 103 5.66 0.96 9.18
CA ASN F 103 6.52 0.96 8.01
C ASN F 103 7.89 0.34 8.28
N ALA F 104 8.07 -0.21 9.48
CA ALA F 104 9.29 -0.93 9.82
C ALA F 104 10.51 -0.03 9.92
N MSE F 105 10.33 1.23 10.34
CA MSE F 105 11.47 2.08 10.63
C MSE F 105 11.88 1.89 12.08
O MSE F 105 11.07 1.42 12.89
CB MSE F 105 11.15 3.54 10.34
CG MSE F 105 10.96 3.80 8.86
SE MSE F 105 10.11 5.56 8.52
CE MSE F 105 11.43 6.69 9.43
N THR F 106 13.12 2.22 12.41
CA THR F 106 13.64 1.91 13.75
C THR F 106 14.51 3.04 14.29
N ASP F 107 14.15 4.27 13.96
CA ASP F 107 15.02 5.39 14.28
C ASP F 107 14.75 5.95 15.69
N SER F 108 14.36 5.07 16.60
CA SER F 108 14.25 5.42 18.02
C SER F 108 14.43 4.18 18.85
N PRO F 109 14.89 4.34 20.10
CA PRO F 109 15.10 3.19 20.98
C PRO F 109 13.84 2.34 21.14
N VAL F 110 12.69 3.01 21.19
CA VAL F 110 11.42 2.33 21.34
C VAL F 110 11.03 1.54 20.10
N LEU F 111 11.24 2.10 18.92
CA LEU F 111 10.98 1.36 17.68
C LEU F 111 11.94 0.17 17.54
N MSE F 112 13.19 0.38 17.94
CA MSE F 112 14.17 -0.68 17.81
C MSE F 112 13.88 -1.83 18.76
O MSE F 112 14.10 -2.97 18.41
CB MSE F 112 15.59 -0.17 18.06
CG MSE F 112 16.64 -1.28 17.97
SE MSE F 112 16.75 -2.21 16.23
CE MSE F 112 17.66 -0.84 15.19
N ALA F 113 13.37 -1.50 19.94
CA ALA F 113 13.02 -2.49 20.94
C ALA F 113 11.83 -3.32 20.46
N ALA F 114 10.88 -2.65 19.81
CA ALA F 114 9.73 -3.36 19.27
C ALA F 114 10.15 -4.30 18.14
N LYS F 115 11.03 -3.83 17.28
CA LYS F 115 11.59 -4.67 16.21
C LYS F 115 12.39 -5.86 16.76
N ALA F 116 13.12 -5.64 17.85
CA ALA F 116 13.90 -6.72 18.45
C ALA F 116 12.96 -7.74 19.09
N THR F 117 11.75 -7.29 19.41
CA THR F 117 10.76 -8.16 19.99
C THR F 117 10.09 -9.04 18.93
N LEU F 118 9.62 -8.43 17.85
CA LEU F 118 9.02 -9.16 16.73
C LEU F 118 10.03 -10.10 16.08
N ARG F 119 11.31 -9.79 16.29
CA ARG F 119 12.42 -10.60 15.77
C ARG F 119 12.28 -12.03 16.26
N ASN F 120 11.84 -12.18 17.49
CA ASN F 120 11.79 -13.46 18.16
C ASN F 120 10.40 -14.06 18.12
N GLY F 121 9.48 -13.41 17.44
CA GLY F 121 8.10 -13.86 17.39
C GLY F 121 7.30 -13.57 18.66
N LYS F 122 7.72 -12.57 19.43
CA LYS F 122 7.05 -12.24 20.70
C LYS F 122 6.08 -11.08 20.56
N PRO F 123 5.06 -11.03 21.44
CA PRO F 123 4.02 -9.99 21.39
C PRO F 123 4.50 -8.58 21.67
N VAL F 124 4.01 -7.65 20.86
CA VAL F 124 4.09 -6.23 21.11
C VAL F 124 2.68 -5.72 21.36
N VAL F 125 2.51 -4.90 22.39
CA VAL F 125 1.21 -4.35 22.73
C VAL F 125 1.22 -2.83 22.57
N LEU F 126 0.21 -2.32 21.88
CA LEU F 126 0.15 -0.91 21.52
C LEU F 126 -1.06 -0.18 22.09
N ALA F 127 -0.82 0.99 22.71
CA ALA F 127 -1.89 1.86 23.19
C ALA F 127 -1.93 3.09 22.33
N VAL F 128 -2.78 3.07 21.31
CA VAL F 128 -2.83 4.14 20.32
C VAL F 128 -3.26 5.46 20.95
N SER F 129 -2.79 6.56 20.36
CA SER F 129 -3.23 7.89 20.72
C SER F 129 -2.86 8.93 19.64
N THR F 130 -3.78 9.13 18.69
CA THR F 130 -3.52 10.09 17.62
C THR F 130 -4.82 10.68 17.06
N ASN F 131 -4.76 11.98 16.76
CA ASN F 131 -5.89 12.71 16.20
C ASN F 131 -6.12 12.48 14.69
N ASP F 132 -5.27 11.66 14.06
CA ASP F 132 -5.45 11.30 12.67
C ASP F 132 -5.65 9.78 12.44
N ALA F 133 -6.10 9.07 13.47
CA ALA F 133 -6.30 7.63 13.39
C ALA F 133 -7.32 7.29 12.31
N LEU F 134 -8.31 8.17 12.13
CA LEU F 134 -9.33 7.94 11.12
C LEU F 134 -9.05 8.75 9.86
N GLY F 135 -7.88 9.38 9.83
CA GLY F 135 -7.38 10.05 8.63
C GLY F 135 -6.23 9.26 8.04
N LEU F 136 -5.15 9.95 7.66
CA LEU F 136 -4.03 9.31 6.97
C LEU F 136 -3.41 8.14 7.74
N ASN F 137 -3.56 8.12 9.06
CA ASN F 137 -2.91 7.07 9.87
C ASN F 137 -3.76 5.82 9.98
N GLY F 138 -4.97 5.89 9.43
CA GLY F 138 -5.89 4.77 9.49
C GLY F 138 -5.31 3.49 8.91
N VAL F 139 -4.69 3.62 7.73
CA VAL F 139 -4.13 2.49 7.01
C VAL F 139 -3.01 1.85 7.79
N ASN F 140 -2.20 2.66 8.47
CA ASN F 140 -1.14 2.14 9.33
C ASN F 140 -1.66 1.35 10.54
N LEU F 141 -2.69 1.89 11.18
CA LEU F 141 -3.27 1.22 12.34
C LEU F 141 -3.79 -0.13 11.91
N MSE F 142 -4.44 -0.19 10.76
CA MSE F 142 -5.05 -1.44 10.33
C MSE F 142 -4.02 -2.46 9.80
O MSE F 142 -4.25 -3.68 9.91
CB MSE F 142 -6.18 -1.20 9.35
CG MSE F 142 -7.41 -0.58 10.01
SE MSE F 142 -8.23 -1.76 11.33
CE MSE F 142 -9.82 -0.68 11.77
N ARG F 143 -2.90 -1.98 9.26
CA ARG F 143 -1.82 -2.88 8.85
C ARG F 143 -1.27 -3.56 10.10
N LEU F 144 -1.09 -2.78 11.17
CA LEU F 144 -0.64 -3.29 12.45
C LEU F 144 -1.62 -4.27 13.06
N MSE F 145 -2.91 -3.91 13.11
CA MSE F 145 -3.95 -4.81 13.64
C MSE F 145 -3.86 -6.20 13.01
O MSE F 145 -4.16 -7.20 13.67
CB MSE F 145 -5.35 -4.28 13.33
CG MSE F 145 -6.02 -3.45 14.40
SE MSE F 145 -6.65 -4.50 15.92
CE MSE F 145 -7.48 -6.02 15.05
N ALA F 146 -3.52 -6.25 11.73
CA ALA F 146 -3.55 -7.48 10.97
C ALA F 146 -2.23 -8.26 11.03
N THR F 147 -1.19 -7.66 11.61
CA THR F 147 0.17 -8.24 11.57
C THR F 147 0.45 -9.23 12.71
N LYS F 148 1.25 -10.27 12.42
CA LYS F 148 1.60 -11.30 13.41
C LYS F 148 2.23 -10.72 14.66
N ASN F 149 1.73 -11.15 15.82
CA ASN F 149 2.31 -10.75 17.11
C ASN F 149 2.13 -9.28 17.54
N ILE F 150 1.17 -8.57 16.94
CA ILE F 150 0.88 -7.20 17.33
C ILE F 150 -0.53 -7.14 17.88
N TYR F 151 -0.68 -6.58 19.07
CA TYR F 151 -1.97 -6.48 19.72
C TYR F 151 -2.24 -5.04 20.16
N PHE F 152 -3.51 -4.71 20.31
CA PHE F 152 -3.89 -3.34 20.70
C PHE F 152 -4.67 -3.30 22.00
N VAL F 153 -4.35 -2.35 22.86
CA VAL F 153 -5.22 -2.02 23.97
C VAL F 153 -6.47 -1.45 23.33
N PRO F 154 -7.65 -1.91 23.76
CA PRO F 154 -8.92 -1.45 23.15
C PRO F 154 -9.02 0.08 23.09
N PHE F 155 -9.55 0.56 21.97
CA PHE F 155 -9.44 1.96 21.63
C PHE F 155 -10.71 2.35 20.90
N GLY F 156 -10.92 3.65 20.78
CA GLY F 156 -11.99 4.22 19.99
C GLY F 156 -11.91 5.74 19.98
N GLN F 157 -12.98 6.38 19.52
CA GLN F 157 -13.06 7.84 19.49
C GLN F 157 -13.14 8.45 20.90
N ASP F 158 -12.19 9.33 21.22
CA ASP F 158 -12.20 10.02 22.52
C ASP F 158 -13.01 11.33 22.50
N ALA F 159 -13.30 11.84 21.31
CA ALA F 159 -14.03 13.09 21.15
C ALA F 159 -14.58 13.25 19.73
N PRO F 160 -15.67 12.54 19.43
CA PRO F 160 -16.20 12.50 18.07
C PRO F 160 -16.45 13.89 17.44
N GLU F 161 -16.88 14.88 18.20
CA GLU F 161 -17.15 16.19 17.61
C GLU F 161 -15.90 17.07 17.61
N LYS F 162 -15.20 17.08 18.74
CA LYS F 162 -13.99 17.88 18.92
C LYS F 162 -12.81 17.45 18.04
N LYS F 163 -12.63 16.15 17.84
CA LYS F 163 -11.53 15.62 17.05
C LYS F 163 -12.03 14.37 16.31
N PRO F 164 -12.75 14.58 15.21
CA PRO F 164 -13.44 13.50 14.50
C PRO F 164 -12.52 12.32 14.09
N ASN F 165 -11.24 12.58 13.86
CA ASN F 165 -10.32 11.55 13.42
C ASN F 165 -9.52 10.94 14.56
N SER F 166 -9.79 11.38 15.79
CA SER F 166 -8.97 10.92 16.90
C SER F 166 -9.40 9.58 17.47
N MSE F 167 -8.40 8.71 17.70
CA MSE F 167 -8.64 7.51 18.48
C MSE F 167 -7.55 7.31 19.53
O MSE F 167 -6.38 7.62 19.29
CB MSE F 167 -8.85 6.27 17.61
CG MSE F 167 -10.15 6.36 16.81
SE MSE F 167 -10.77 4.66 16.08
CE MSE F 167 -9.16 4.15 15.11
N VAL F 168 -7.97 6.83 20.70
CA VAL F 168 -7.13 6.76 21.88
C VAL F 168 -7.48 5.46 22.61
N ALA F 169 -6.48 4.80 23.16
CA ALA F 169 -6.72 3.56 23.88
C ALA F 169 -7.33 3.81 25.27
N ARG F 170 -8.11 2.85 25.73
CA ARG F 170 -8.53 2.79 27.13
C ARG F 170 -7.39 2.27 27.99
N MSE F 171 -6.54 3.18 28.46
CA MSE F 171 -5.38 2.81 29.27
C MSE F 171 -5.70 1.87 30.43
O MSE F 171 -4.86 1.03 30.79
CB MSE F 171 -4.70 4.05 29.83
CG MSE F 171 -3.73 4.69 28.89
SE MSE F 171 -2.33 3.45 28.32
CE MSE F 171 -1.35 4.73 27.22
N GLU F 172 -6.87 2.03 31.04
CA GLU F 172 -7.25 1.19 32.18
C GLU F 172 -7.12 -0.29 31.81
N LEU F 173 -7.23 -0.60 30.52
CA LEU F 173 -7.25 -1.98 30.04
C LEU F 173 -5.88 -2.50 29.64
N LEU F 174 -4.83 -1.74 29.92
CA LEU F 174 -3.49 -2.11 29.48
C LEU F 174 -3.03 -3.48 29.98
N GLU F 175 -3.20 -3.73 31.29
CA GLU F 175 -2.75 -4.98 31.88
C GLU F 175 -3.50 -6.19 31.33
N ASP F 176 -4.83 -6.07 31.26
CA ASP F 176 -5.65 -7.12 30.69
C ASP F 176 -5.22 -7.42 29.24
N THR F 177 -4.75 -6.39 28.52
CA THR F 177 -4.27 -6.55 27.15
C THR F 177 -2.99 -7.38 27.11
N VAL F 178 -2.00 -7.01 27.92
CA VAL F 178 -0.75 -7.76 27.89
C VAL F 178 -0.97 -9.20 28.31
N LEU F 179 -1.82 -9.40 29.32
CA LEU F 179 -2.14 -10.75 29.78
C LEU F 179 -2.67 -11.61 28.64
N GLU F 180 -3.60 -11.08 27.85
CA GLU F 180 -4.08 -11.79 26.67
C GLU F 180 -2.99 -12.00 25.62
N ALA F 181 -2.17 -10.97 25.41
CA ALA F 181 -1.17 -10.99 24.33
C ALA F 181 -0.08 -12.02 24.64
N LEU F 182 0.19 -12.22 25.93
CA LEU F 182 1.08 -13.29 26.34
C LEU F 182 0.58 -14.68 25.92
N GLN F 183 -0.73 -14.84 25.80
CA GLN F 183 -1.33 -16.10 25.38
C GLN F 183 -1.58 -16.09 23.87
N GLY F 184 -0.94 -15.16 23.17
CA GLY F 184 -1.16 -15.00 21.74
C GLY F 184 -2.57 -14.59 21.34
N LYS F 185 -3.31 -13.92 22.24
CA LYS F 185 -4.68 -13.47 21.93
C LYS F 185 -4.88 -11.96 22.03
N GLN F 186 -5.77 -11.44 21.18
CA GLN F 186 -6.15 -10.03 21.23
C GLN F 186 -7.35 -9.90 22.16
N LEU F 187 -7.25 -9.04 23.16
CA LEU F 187 -8.37 -8.78 24.07
C LEU F 187 -9.56 -8.16 23.33
N GLN F 188 -10.76 -8.62 23.68
CA GLN F 188 -12.01 -8.16 23.06
C GLN F 188 -12.95 -7.60 24.11
N PRO F 189 -13.81 -6.63 23.74
CA PRO F 189 -13.87 -5.98 22.42
C PRO F 189 -12.66 -5.05 22.21
N VAL F 190 -12.11 -5.02 21.00
CA VAL F 190 -10.96 -4.17 20.75
C VAL F 190 -11.40 -2.79 20.26
N VAL F 191 -12.61 -2.71 19.72
CA VAL F 191 -13.17 -1.43 19.27
C VAL F 191 -14.27 -0.99 20.21
N VAL F 192 -14.04 0.12 20.91
CA VAL F 192 -14.95 0.54 21.95
C VAL F 192 -15.28 2.03 21.90
N GLU F 193 -16.37 2.40 22.56
CA GLU F 193 -16.75 3.80 22.65
C GLU F 193 -15.90 4.49 23.71
N LYS F 194 -14.69 4.88 23.32
CA LYS F 194 -13.73 5.48 24.24
C LYS F 194 -14.28 6.76 24.90
N PHE F 195 -15.13 7.49 24.18
CA PHE F 195 -15.65 8.76 24.66
C PHE F 195 -16.52 8.59 25.91
N ARG F 196 -16.92 7.34 26.19
CA ARG F 196 -17.76 7.05 27.35
C ARG F 196 -16.93 6.76 28.60
N TYR F 197 -15.61 6.64 28.43
CA TYR F 197 -14.75 6.34 29.56
C TYR F 197 -13.79 7.49 29.86
N MSE F 198 -14.34 8.70 29.82
CA MSE F 198 -13.58 9.91 30.07
C MSE F 198 -13.93 10.51 31.43
O MSE F 198 -14.29 11.69 31.52
CB MSE F 198 -13.86 10.92 28.97
CG MSE F 198 -13.80 10.32 27.58
SE MSE F 198 -11.98 10.28 26.85
CE MSE F 198 -10.99 9.36 28.25
N ASN F 199 -13.84 9.70 32.48
CA ASN F 199 -14.16 10.13 33.82
C ASN F 199 -13.92 8.97 34.79
P PO4 G . -4.73 17.32 19.96
O1 PO4 G . -3.24 17.22 20.29
O2 PO4 G . -4.76 18.11 18.68
O3 PO4 G . -5.30 15.94 19.69
O4 PO4 G . -5.53 17.89 21.13
P PO4 H . 20.47 4.05 9.43
O1 PO4 H . 20.90 3.14 10.58
O2 PO4 H . 19.44 3.29 8.63
O3 PO4 H . 19.86 5.32 9.99
O4 PO4 H . 21.66 4.44 8.57
P PO4 I . 17.80 18.27 -8.74
O1 PO4 I . 17.29 16.86 -9.05
O2 PO4 I . 16.63 19.12 -8.22
O3 PO4 I . 18.82 18.15 -7.56
O4 PO4 I . 18.36 19.01 -9.96
P PO4 J . -8.16 -18.58 -10.18
O1 PO4 J . -8.65 -19.83 -9.48
O2 PO4 J . -6.82 -18.79 -10.84
O3 PO4 J . -9.20 -18.18 -11.22
O4 PO4 J . -7.99 -17.45 -9.20
P PO4 K . -20.43 -9.06 -4.24
O1 PO4 K . -20.83 -10.36 -3.53
O2 PO4 K . -19.53 -9.37 -5.40
O3 PO4 K . -21.65 -8.32 -4.77
O4 PO4 K . -19.71 -8.21 -3.22
P PO4 L . -17.59 9.06 -18.66
O1 PO4 L . -17.17 9.48 -17.25
O2 PO4 L . -16.40 8.53 -19.43
O3 PO4 L . -18.62 7.93 -18.43
O4 PO4 L . -18.21 10.31 -19.34
P PO4 M . 7.93 10.35 18.68
O1 PO4 M . 7.68 9.23 17.70
O2 PO4 M . 6.68 11.17 19.01
O3 PO4 M . 8.45 9.78 20.01
O4 PO4 M . 8.97 11.28 18.03
#